data_1E4N
#
_entry.id   1E4N
#
_cell.length_a   91.570
_cell.length_b   95.310
_cell.length_c   117.760
_cell.angle_alpha   90.00
_cell.angle_beta   90.00
_cell.angle_gamma   90.00
#
_symmetry.space_group_name_H-M   'P 21 21 21'
#
loop_
_entity.id
_entity.type
_entity.pdbx_description
1 polymer BETA-GLUCOSIDASE
2 non-polymer 2,4-DIHYDROXY-7-(METHYLOXY)-2H-1,4-BENZOXAZIN-3(4H)-ONE
3 water water
#
_entity_poly.entity_id   1
_entity_poly.type   'polypeptide(L)'
_entity_poly.pdbx_seq_one_letter_code
;SARVGSQNGVQMLSPSEIPQRDWFPSDFTFGAATSAYQIEGAWNEDGKGESNWDHFCHNHPERILDGSNSDIGANSYHMY
KTDVRLLKEMGMDAYRFSISWPRILPKGTKEGGINPDGIKYYRNLINLLLENGIEPYVTIFHWDVPQALEEKYGGFLDKS
HKSIVEDYTYFAKVCFDNFGDKVKNWLTFNDPQTFTSFSYGTGVFAPGRCSPGLDCAYPTGNSLVEPYTAGHNILLAHAE
AVDLYNKHYKRDDTRIGLAFDVMGRVPYGTSFLDKQAEERSWDINLGWFLEPVVRGDYPFSMRSLARERLPFFKDEQKEK
LAGSYNMLGLNYYTSRFSKNIDISPNYSPVLNTDDAYASQEVNGPDGKPIGPPMGNPWIYMYPEGLKDLLMIMKNKYGNP
PIYITENGIGDVDTKETPLPMEAALNDYKRLDYIQRHIATLKESIDLGSNVQGYFAWSLLDNFEWFAGFTERYGIVYVDR
NNNCTRYMKESAKWLKEFNTAKKPSKKILTPA
;
_entity_poly.pdbx_strand_id   A,B
#
loop_
_chem_comp.id
_chem_comp.type
_chem_comp.name
_chem_comp.formula
HBO non-polymer 2,4-DIHYDROXY-7-(METHYLOXY)-2H-1,4-BENZOXAZIN-3(4H)-ONE 'C9 H9 N O5'
#
# COMPACT_ATOMS: atom_id res chain seq x y z
N LEU A 13 -0.91 24.99 -29.28
CA LEU A 13 -1.60 23.69 -29.52
C LEU A 13 -1.94 23.55 -31.01
N SER A 14 -1.16 22.71 -31.70
CA SER A 14 -1.32 22.47 -33.13
C SER A 14 -2.74 22.34 -33.68
N PRO A 15 -3.00 22.92 -34.86
CA PRO A 15 -4.29 22.93 -35.56
C PRO A 15 -4.88 21.55 -35.80
N SER A 16 -4.03 20.55 -35.98
CA SER A 16 -4.47 19.18 -36.20
C SER A 16 -4.58 18.48 -34.86
N GLU A 17 -3.96 19.07 -33.85
CA GLU A 17 -3.98 18.54 -32.50
C GLU A 17 -5.29 18.92 -31.82
N ILE A 18 -5.93 19.98 -32.32
CA ILE A 18 -7.18 20.43 -31.74
C ILE A 18 -8.30 19.43 -31.97
N PRO A 19 -9.01 19.05 -30.89
CA PRO A 19 -10.11 18.09 -30.92
C PRO A 19 -11.19 18.43 -31.93
N GLN A 20 -11.79 17.37 -32.49
CA GLN A 20 -12.88 17.46 -33.46
C GLN A 20 -14.00 16.58 -32.91
N ARG A 21 -15.25 16.97 -33.16
CA ARG A 21 -16.35 16.18 -32.66
C ARG A 21 -16.39 14.76 -33.23
N ASP A 22 -15.82 14.58 -34.43
CA ASP A 22 -15.81 13.25 -35.04
C ASP A 22 -14.72 12.37 -34.43
N TRP A 23 -13.98 12.90 -33.46
CA TRP A 23 -12.95 12.13 -32.77
C TRP A 23 -13.66 11.19 -31.81
N PHE A 24 -14.82 11.61 -31.34
CA PHE A 24 -15.59 10.83 -30.39
C PHE A 24 -16.79 10.21 -31.05
N PRO A 25 -17.28 9.09 -30.51
CA PRO A 25 -18.44 8.44 -31.11
C PRO A 25 -19.63 9.40 -31.11
N SER A 26 -20.62 9.12 -31.94
CA SER A 26 -21.81 9.96 -32.04
C SER A 26 -22.67 9.94 -30.76
N ASP A 27 -22.51 8.87 -29.98
CA ASP A 27 -23.29 8.72 -28.75
C ASP A 27 -22.57 9.32 -27.54
N PHE A 28 -21.39 9.90 -27.78
CA PHE A 28 -20.61 10.53 -26.73
C PHE A 28 -21.38 11.80 -26.32
N THR A 29 -21.20 12.22 -25.08
CA THR A 29 -21.91 13.39 -24.57
C THR A 29 -21.06 14.59 -24.21
N PHE A 30 -21.47 15.75 -24.71
CA PHE A 30 -20.79 17.01 -24.44
C PHE A 30 -21.81 17.94 -23.81
N GLY A 31 -21.41 18.60 -22.72
CA GLY A 31 -22.29 19.52 -22.03
C GLY A 31 -21.57 20.47 -21.10
N ALA A 32 -22.33 21.18 -20.28
CA ALA A 32 -21.73 22.11 -19.33
C ALA A 32 -22.47 21.86 -18.04
N ALA A 33 -21.91 22.34 -16.92
CA ALA A 33 -22.52 22.11 -15.63
C ALA A 33 -22.51 23.33 -14.72
N THR A 34 -23.40 23.31 -13.74
CA THR A 34 -23.54 24.36 -12.74
C THR A 34 -24.05 23.71 -11.45
N SER A 35 -24.14 24.50 -10.38
CA SER A 35 -24.67 24.02 -9.12
C SER A 35 -25.70 25.06 -8.65
N ALA A 36 -26.80 24.58 -8.06
CA ALA A 36 -27.89 25.43 -7.59
C ALA A 36 -27.52 26.68 -6.82
N TYR A 37 -26.82 26.52 -5.70
CA TYR A 37 -26.45 27.68 -4.89
C TYR A 37 -25.55 28.66 -5.61
N GLN A 38 -24.70 28.16 -6.50
CA GLN A 38 -23.78 29.04 -7.21
C GLN A 38 -24.41 29.90 -8.29
N ILE A 39 -25.55 29.48 -8.83
CA ILE A 39 -26.16 30.27 -9.90
C ILE A 39 -27.58 30.74 -9.72
N GLU A 40 -28.39 29.96 -9.02
CA GLU A 40 -29.80 30.29 -8.82
C GLU A 40 -30.18 31.68 -8.29
N GLY A 41 -29.66 32.06 -7.14
CA GLY A 41 -30.04 33.33 -6.55
C GLY A 41 -31.42 33.15 -5.98
N ALA A 42 -32.20 34.22 -5.88
CA ALA A 42 -33.55 34.13 -5.32
C ALA A 42 -33.46 33.24 -4.09
N TRP A 43 -32.44 33.50 -3.28
CA TRP A 43 -32.17 32.70 -2.09
C TRP A 43 -33.31 32.58 -1.08
N ASN A 44 -34.24 33.52 -1.10
CA ASN A 44 -35.36 33.47 -0.15
C ASN A 44 -36.71 33.82 -0.78
N GLU A 45 -36.88 33.46 -2.05
CA GLU A 45 -38.12 33.74 -2.74
C GLU A 45 -38.95 32.47 -2.87
N ASP A 46 -40.23 32.66 -3.18
CA ASP A 46 -41.16 31.55 -3.38
C ASP A 46 -41.07 30.39 -2.38
N GLY A 47 -40.98 30.72 -1.10
CA GLY A 47 -40.93 29.70 -0.06
C GLY A 47 -39.65 28.89 0.14
N LYS A 48 -38.58 29.23 -0.57
CA LYS A 48 -37.32 28.48 -0.42
C LYS A 48 -36.75 28.67 0.99
N GLY A 49 -36.45 27.56 1.63
CA GLY A 49 -35.87 27.62 2.97
C GLY A 49 -34.40 28.03 2.97
N GLU A 50 -33.92 28.42 4.13
CA GLU A 50 -32.52 28.85 4.27
C GLU A 50 -31.57 27.66 4.21
N SER A 51 -30.41 27.83 3.58
CA SER A 51 -29.41 26.76 3.48
C SER A 51 -28.20 27.08 4.35
N ASN A 52 -27.39 26.06 4.57
CA ASN A 52 -26.16 26.16 5.34
C ASN A 52 -25.28 27.26 4.75
N TRP A 53 -25.27 27.36 3.42
CA TRP A 53 -24.50 28.38 2.75
C TRP A 53 -25.13 29.77 2.88
N ASP A 54 -26.46 29.86 2.83
CA ASP A 54 -27.14 31.14 3.00
C ASP A 54 -26.69 31.65 4.36
N HIS A 55 -26.82 30.78 5.35
CA HIS A 55 -26.48 31.04 6.74
C HIS A 55 -25.01 31.45 6.93
N PHE A 56 -24.11 30.68 6.32
CA PHE A 56 -22.67 30.91 6.41
C PHE A 56 -22.26 32.25 5.82
N CYS A 57 -22.71 32.52 4.59
CA CYS A 57 -22.37 33.78 3.93
C CYS A 57 -22.93 35.00 4.69
N HIS A 58 -24.18 34.90 5.10
CA HIS A 58 -24.82 35.99 5.82
C HIS A 58 -24.20 36.22 7.18
N ASN A 59 -23.90 35.14 7.89
CA ASN A 59 -23.32 35.26 9.23
C ASN A 59 -21.81 35.41 9.28
N HIS A 60 -21.13 35.00 8.21
CA HIS A 60 -19.67 35.09 8.19
C HIS A 60 -19.12 35.63 6.88
N PRO A 61 -19.60 36.81 6.45
CA PRO A 61 -19.10 37.39 5.20
C PRO A 61 -17.59 37.51 5.23
N GLU A 62 -17.02 37.56 6.43
CA GLU A 62 -15.58 37.68 6.55
C GLU A 62 -14.88 36.41 6.09
N ARG A 63 -15.63 35.32 5.99
CA ARG A 63 -15.07 34.03 5.56
C ARG A 63 -15.10 33.83 4.05
N ILE A 64 -15.59 34.83 3.33
CA ILE A 64 -15.63 34.79 1.89
C ILE A 64 -14.58 35.82 1.46
N LEU A 65 -13.74 35.45 0.50
CA LEU A 65 -12.66 36.31 0.05
C LEU A 65 -13.04 37.76 -0.22
N ASP A 66 -14.15 37.95 -0.92
CA ASP A 66 -14.60 39.29 -1.23
C ASP A 66 -15.89 39.60 -0.47
N GLY A 67 -16.11 38.86 0.61
CA GLY A 67 -17.28 39.07 1.45
C GLY A 67 -18.63 39.07 0.77
N SER A 68 -18.77 38.32 -0.31
CA SER A 68 -20.03 38.26 -1.02
C SER A 68 -20.89 37.09 -0.58
N ASN A 69 -22.00 36.90 -1.26
CA ASN A 69 -22.91 35.80 -0.98
C ASN A 69 -23.59 35.46 -2.29
N SER A 70 -24.42 34.43 -2.31
CA SER A 70 -25.07 34.06 -3.55
C SER A 70 -26.57 34.36 -3.55
N ASP A 71 -26.96 35.47 -2.92
CA ASP A 71 -28.37 35.85 -2.86
C ASP A 71 -28.94 35.96 -4.28
N ILE A 72 -28.09 36.41 -5.18
CA ILE A 72 -28.47 36.56 -6.57
C ILE A 72 -27.74 35.53 -7.45
N GLY A 73 -26.43 35.41 -7.24
CA GLY A 73 -25.62 34.48 -8.02
C GLY A 73 -25.60 34.89 -9.48
N ALA A 74 -26.09 34.01 -10.34
CA ALA A 74 -26.17 34.30 -11.77
C ALA A 74 -27.66 34.54 -12.05
N ASN A 75 -28.42 34.61 -10.96
CA ASN A 75 -29.87 34.84 -11.01
C ASN A 75 -30.56 33.85 -11.94
N SER A 76 -30.04 32.63 -11.99
CA SER A 76 -30.58 31.58 -12.85
C SER A 76 -31.97 31.11 -12.48
N TYR A 77 -32.46 31.49 -11.31
CA TYR A 77 -33.80 31.08 -10.92
C TYR A 77 -34.78 31.84 -11.80
N HIS A 78 -34.39 33.03 -12.23
CA HIS A 78 -35.24 33.85 -13.07
C HIS A 78 -34.78 33.77 -14.52
N MET A 79 -33.47 33.68 -14.70
CA MET A 79 -32.92 33.65 -16.04
C MET A 79 -32.58 32.27 -16.62
N TYR A 80 -33.19 31.22 -16.07
CA TYR A 80 -32.90 29.87 -16.55
C TYR A 80 -33.19 29.67 -18.04
N LYS A 81 -34.18 30.38 -18.57
CA LYS A 81 -34.51 30.26 -19.98
C LYS A 81 -33.32 30.62 -20.87
N THR A 82 -32.54 31.62 -20.47
CA THR A 82 -31.37 32.04 -21.23
C THR A 82 -30.26 31.02 -21.09
N ASP A 83 -30.16 30.40 -19.92
CA ASP A 83 -29.14 29.38 -19.70
C ASP A 83 -29.34 28.26 -20.73
N VAL A 84 -30.58 27.78 -20.85
CA VAL A 84 -30.93 26.73 -21.79
C VAL A 84 -30.71 27.18 -23.23
N ARG A 85 -30.76 28.49 -23.44
CA ARG A 85 -30.57 29.07 -24.76
C ARG A 85 -29.10 28.98 -25.16
N LEU A 86 -28.19 29.37 -24.25
CA LEU A 86 -26.75 29.30 -24.53
C LEU A 86 -26.35 27.85 -24.80
N LEU A 87 -27.00 26.94 -24.06
CA LEU A 87 -26.74 25.50 -24.18
C LEU A 87 -27.13 25.05 -25.58
N LYS A 88 -28.33 25.45 -26.00
CA LYS A 88 -28.82 25.09 -27.33
C LYS A 88 -27.85 25.64 -28.40
N GLU A 89 -27.61 26.94 -28.32
CA GLU A 89 -26.71 27.60 -29.26
C GLU A 89 -25.34 26.93 -29.38
N MET A 90 -24.81 26.48 -28.25
CA MET A 90 -23.50 25.84 -28.27
C MET A 90 -23.61 24.44 -28.82
N GLY A 91 -24.85 23.96 -28.93
CA GLY A 91 -25.09 22.62 -29.44
C GLY A 91 -24.73 21.57 -28.40
N MET A 92 -24.89 21.91 -27.12
CA MET A 92 -24.59 20.98 -26.05
C MET A 92 -25.57 19.80 -26.02
N ASP A 93 -25.01 18.60 -25.84
CA ASP A 93 -25.80 17.38 -25.80
C ASP A 93 -26.58 17.22 -24.50
N ALA A 94 -26.01 17.74 -23.42
CA ALA A 94 -26.65 17.63 -22.10
C ALA A 94 -26.27 18.79 -21.20
N TYR A 95 -26.94 18.85 -20.06
CA TYR A 95 -26.69 19.91 -19.07
C TYR A 95 -26.73 19.32 -17.65
N ARG A 96 -25.67 19.57 -16.89
CA ARG A 96 -25.61 19.09 -15.52
C ARG A 96 -25.85 20.23 -14.55
N PHE A 97 -26.92 20.11 -13.76
CA PHE A 97 -27.27 21.14 -12.79
C PHE A 97 -27.72 20.42 -11.54
N SER A 98 -27.82 21.15 -10.45
CA SER A 98 -28.25 20.51 -9.22
C SER A 98 -29.56 21.07 -8.72
N ILE A 99 -30.16 20.37 -7.78
CA ILE A 99 -31.41 20.78 -7.18
C ILE A 99 -31.14 21.25 -5.75
N SER A 100 -31.64 22.43 -5.44
CA SER A 100 -31.47 23.01 -4.10
C SER A 100 -32.40 22.32 -3.12
N TRP A 101 -31.83 21.55 -2.21
CA TRP A 101 -32.58 20.82 -1.20
C TRP A 101 -33.57 21.71 -0.45
N PRO A 102 -33.09 22.85 0.09
CA PRO A 102 -33.99 23.75 0.81
C PRO A 102 -35.10 24.38 -0.03
N ARG A 103 -34.92 24.42 -1.35
CA ARG A 103 -35.94 24.99 -2.21
C ARG A 103 -37.04 23.98 -2.48
N ILE A 104 -36.72 22.70 -2.32
CA ILE A 104 -37.70 21.63 -2.53
C ILE A 104 -38.39 21.35 -1.21
N LEU A 105 -37.60 21.31 -0.14
CA LEU A 105 -38.12 21.07 1.20
C LEU A 105 -37.56 22.14 2.13
N PRO A 106 -38.24 23.30 2.21
CA PRO A 106 -37.84 24.44 3.05
C PRO A 106 -37.29 24.06 4.43
N LYS A 107 -37.89 23.06 5.07
CA LYS A 107 -37.46 22.64 6.38
C LYS A 107 -36.58 21.40 6.23
N GLY A 108 -36.43 20.97 4.97
CA GLY A 108 -35.61 19.81 4.67
C GLY A 108 -36.21 18.47 5.05
N THR A 109 -37.43 18.46 5.60
CA THR A 109 -38.05 17.21 6.01
C THR A 109 -39.40 16.95 5.34
N LYS A 110 -39.93 15.75 5.53
CA LYS A 110 -41.21 15.38 4.94
C LYS A 110 -42.34 16.23 5.54
N GLU A 111 -42.40 16.25 6.85
CA GLU A 111 -43.42 17.00 7.56
C GLU A 111 -43.25 18.48 7.28
N GLY A 112 -42.02 18.85 6.95
CA GLY A 112 -41.74 20.24 6.65
C GLY A 112 -42.58 20.66 5.47
N GLY A 113 -42.87 19.71 4.59
CA GLY A 113 -43.68 19.98 3.42
C GLY A 113 -42.89 20.28 2.16
N ILE A 114 -43.46 19.94 1.01
CA ILE A 114 -42.79 20.17 -0.26
C ILE A 114 -43.17 21.55 -0.76
N ASN A 115 -42.19 22.35 -1.19
CA ASN A 115 -42.48 23.67 -1.71
C ASN A 115 -42.77 23.59 -3.20
N PRO A 116 -44.04 23.81 -3.58
CA PRO A 116 -44.52 23.77 -4.96
C PRO A 116 -43.75 24.66 -5.94
N ASP A 117 -43.22 25.77 -5.45
CA ASP A 117 -42.48 26.67 -6.33
C ASP A 117 -41.16 26.01 -6.75
N GLY A 118 -40.53 25.31 -5.80
CA GLY A 118 -39.28 24.63 -6.07
C GLY A 118 -39.52 23.57 -7.12
N ILE A 119 -40.55 22.76 -6.90
CA ILE A 119 -40.92 21.71 -7.83
C ILE A 119 -41.17 22.32 -9.21
N LYS A 120 -41.91 23.41 -9.24
CA LYS A 120 -42.25 24.08 -10.49
C LYS A 120 -41.01 24.51 -11.25
N TYR A 121 -40.11 25.22 -10.56
CA TYR A 121 -38.88 25.69 -11.17
C TYR A 121 -38.09 24.58 -11.85
N TYR A 122 -37.78 23.51 -11.12
CA TYR A 122 -37.00 22.41 -11.69
C TYR A 122 -37.76 21.68 -12.79
N ARG A 123 -39.08 21.57 -12.63
CA ARG A 123 -39.94 20.92 -13.61
C ARG A 123 -39.87 21.74 -14.92
N ASN A 124 -39.95 23.05 -14.80
CA ASN A 124 -39.89 23.93 -15.96
C ASN A 124 -38.55 23.87 -16.67
N LEU A 125 -37.46 23.93 -15.90
CA LEU A 125 -36.13 23.88 -16.51
C LEU A 125 -35.96 22.57 -17.26
N ILE A 126 -36.26 21.46 -16.61
CA ILE A 126 -36.12 20.16 -17.23
C ILE A 126 -36.88 20.07 -18.55
N ASN A 127 -38.15 20.50 -18.55
CA ASN A 127 -38.95 20.46 -19.77
C ASN A 127 -38.33 21.32 -20.87
N LEU A 128 -37.85 22.50 -20.49
CA LEU A 128 -37.23 23.40 -21.46
C LEU A 128 -35.99 22.76 -22.09
N LEU A 129 -35.20 22.08 -21.27
CA LEU A 129 -34.01 21.41 -21.76
C LEU A 129 -34.43 20.34 -22.77
N LEU A 130 -35.33 19.46 -22.37
CA LEU A 130 -35.82 18.40 -23.25
C LEU A 130 -36.30 19.02 -24.56
N GLU A 131 -37.20 20.00 -24.46
CA GLU A 131 -37.74 20.69 -25.62
C GLU A 131 -36.67 21.03 -26.64
N ASN A 132 -35.52 21.52 -26.17
CA ASN A 132 -34.42 21.87 -27.07
C ASN A 132 -33.43 20.72 -27.26
N GLY A 133 -33.86 19.50 -26.95
CA GLY A 133 -33.01 18.33 -27.11
C GLY A 133 -31.76 18.26 -26.25
N ILE A 134 -31.81 18.83 -25.06
CA ILE A 134 -30.67 18.77 -24.15
C ILE A 134 -30.99 17.83 -22.99
N GLU A 135 -30.15 16.83 -22.81
CA GLU A 135 -30.35 15.84 -21.77
C GLU A 135 -29.98 16.39 -20.40
N PRO A 136 -30.91 16.33 -19.45
CA PRO A 136 -30.66 16.83 -18.10
C PRO A 136 -29.98 15.83 -17.17
N TYR A 137 -28.78 16.18 -16.71
CA TYR A 137 -28.05 15.36 -15.75
C TYR A 137 -28.23 16.08 -14.42
N VAL A 138 -29.12 15.53 -13.60
CA VAL A 138 -29.49 16.13 -12.32
C VAL A 138 -28.71 15.70 -11.09
N THR A 139 -28.02 16.65 -10.46
CA THR A 139 -27.29 16.39 -9.23
C THR A 139 -28.26 16.72 -8.10
N ILE A 140 -28.61 15.71 -7.31
CA ILE A 140 -29.53 15.88 -6.20
C ILE A 140 -28.95 16.80 -5.11
N PHE A 141 -27.70 16.57 -4.75
CA PHE A 141 -27.07 17.37 -3.71
C PHE A 141 -25.69 17.95 -4.05
N HIS A 142 -25.55 19.26 -3.91
CA HIS A 142 -24.28 19.91 -4.16
C HIS A 142 -23.93 20.89 -3.02
N TRP A 143 -23.78 20.36 -1.81
CA TRP A 143 -23.40 21.12 -0.62
C TRP A 143 -24.46 21.99 0.07
N ASP A 144 -25.59 22.20 -0.57
CA ASP A 144 -26.65 23.03 0.00
C ASP A 144 -27.64 22.31 0.91
N VAL A 145 -27.22 22.08 2.15
CA VAL A 145 -28.04 21.41 3.13
C VAL A 145 -28.94 22.46 3.76
N PRO A 146 -30.24 22.15 3.88
CA PRO A 146 -31.19 23.09 4.50
C PRO A 146 -30.72 23.40 5.92
N GLN A 147 -30.62 24.68 6.23
CA GLN A 147 -30.18 25.12 7.55
C GLN A 147 -31.04 24.51 8.65
N ALA A 148 -32.31 24.25 8.35
CA ALA A 148 -33.20 23.66 9.34
C ALA A 148 -32.61 22.34 9.86
N LEU A 149 -32.10 21.52 8.95
CA LEU A 149 -31.52 20.24 9.34
C LEU A 149 -30.21 20.46 10.06
N GLU A 150 -29.50 21.51 9.66
CA GLU A 150 -28.21 21.83 10.26
C GLU A 150 -28.35 22.13 11.75
N GLU A 151 -29.39 22.87 12.11
CA GLU A 151 -29.60 23.22 13.52
C GLU A 151 -30.23 22.07 14.29
N LYS A 152 -31.06 21.28 13.62
CA LYS A 152 -31.73 20.15 14.26
C LYS A 152 -30.74 19.06 14.69
N TYR A 153 -29.84 18.69 13.78
CA TYR A 153 -28.86 17.66 14.12
C TYR A 153 -27.48 17.83 13.44
N GLY A 154 -27.17 19.05 13.03
CA GLY A 154 -25.87 19.31 12.40
C GLY A 154 -25.74 18.73 10.99
N GLY A 155 -26.86 18.44 10.37
CA GLY A 155 -26.84 17.88 9.01
C GLY A 155 -26.04 16.59 8.91
N PHE A 156 -25.12 16.55 7.96
CA PHE A 156 -24.30 15.36 7.75
C PHE A 156 -23.34 15.05 8.88
N LEU A 157 -23.36 15.87 9.92
CA LEU A 157 -22.54 15.59 11.09
C LEU A 157 -23.33 14.69 12.00
N ASP A 158 -24.61 14.51 11.67
CA ASP A 158 -25.54 13.66 12.42
C ASP A 158 -24.87 12.46 13.05
N LYS A 159 -24.65 12.53 14.36
CA LYS A 159 -23.99 11.45 15.07
C LYS A 159 -24.77 10.14 15.11
N SER A 160 -26.05 10.20 14.81
CA SER A 160 -26.87 8.99 14.83
C SER A 160 -26.76 8.19 13.53
N HIS A 161 -26.30 8.83 12.46
CA HIS A 161 -26.17 8.16 11.16
C HIS A 161 -27.54 7.62 10.70
N LYS A 162 -28.60 8.34 11.05
CA LYS A 162 -29.96 7.93 10.70
C LYS A 162 -30.85 9.08 10.21
N SER A 163 -30.80 10.20 10.93
CA SER A 163 -31.60 11.36 10.59
C SER A 163 -31.27 11.96 9.23
N ILE A 164 -30.01 12.35 9.05
CA ILE A 164 -29.58 12.96 7.79
C ILE A 164 -29.79 11.98 6.65
N VAL A 165 -29.66 10.69 6.97
CA VAL A 165 -29.86 9.65 5.97
C VAL A 165 -31.31 9.59 5.51
N GLU A 166 -32.23 9.53 6.46
CA GLU A 166 -33.64 9.46 6.12
C GLU A 166 -34.14 10.73 5.42
N ASP A 167 -33.70 11.89 5.91
CA ASP A 167 -34.15 13.13 5.29
C ASP A 167 -33.61 13.26 3.86
N TYR A 168 -32.38 12.82 3.63
CA TYR A 168 -31.81 12.87 2.28
C TYR A 168 -32.58 11.92 1.37
N THR A 169 -32.81 10.70 1.86
CA THR A 169 -33.52 9.70 1.08
C THR A 169 -34.90 10.19 0.67
N TYR A 170 -35.60 10.86 1.59
CA TYR A 170 -36.92 11.40 1.28
C TYR A 170 -36.74 12.48 0.20
N PHE A 171 -35.80 13.40 0.43
CA PHE A 171 -35.51 14.45 -0.53
C PHE A 171 -35.26 13.80 -1.89
N ALA A 172 -34.52 12.71 -1.88
CA ALA A 172 -34.21 11.98 -3.10
C ALA A 172 -35.52 11.53 -3.72
N LYS A 173 -36.43 11.08 -2.87
CA LYS A 173 -37.74 10.59 -3.28
C LYS A 173 -38.56 11.67 -3.98
N VAL A 174 -38.61 12.85 -3.36
CA VAL A 174 -39.37 13.96 -3.92
C VAL A 174 -38.86 14.28 -5.33
N CYS A 175 -37.56 14.13 -5.53
CA CYS A 175 -36.98 14.41 -6.84
C CYS A 175 -37.35 13.30 -7.81
N PHE A 176 -37.21 12.05 -7.37
CA PHE A 176 -37.56 10.93 -8.24
C PHE A 176 -39.04 11.00 -8.59
N ASP A 177 -39.84 11.32 -7.59
CA ASP A 177 -41.29 11.43 -7.75
C ASP A 177 -41.72 12.51 -8.75
N ASN A 178 -41.17 13.71 -8.61
CA ASN A 178 -41.53 14.81 -9.49
C ASN A 178 -40.76 14.91 -10.79
N PHE A 179 -39.64 14.21 -10.91
CA PHE A 179 -38.85 14.31 -12.15
C PHE A 179 -38.41 12.99 -12.77
N GLY A 180 -38.64 11.88 -12.06
CA GLY A 180 -38.24 10.58 -12.56
C GLY A 180 -38.66 10.26 -13.97
N ASP A 181 -39.85 10.72 -14.34
CA ASP A 181 -40.39 10.50 -15.68
C ASP A 181 -39.61 11.26 -16.76
N LYS A 182 -38.99 12.38 -16.39
CA LYS A 182 -38.25 13.19 -17.34
C LYS A 182 -36.73 13.13 -17.22
N VAL A 183 -36.23 12.79 -16.04
CA VAL A 183 -34.77 12.71 -15.85
C VAL A 183 -34.27 11.28 -15.98
N LYS A 184 -33.33 11.07 -16.90
CA LYS A 184 -32.75 9.76 -17.16
C LYS A 184 -31.33 9.57 -16.61
N ASN A 185 -30.82 10.60 -15.93
CA ASN A 185 -29.48 10.54 -15.37
C ASN A 185 -29.44 11.26 -14.02
N TRP A 186 -29.21 10.50 -12.96
CA TRP A 186 -29.17 11.05 -11.61
C TRP A 186 -27.81 10.94 -10.94
N LEU A 187 -27.48 11.98 -10.17
CA LEU A 187 -26.23 12.01 -9.41
C LEU A 187 -26.62 12.41 -7.98
N THR A 188 -26.50 11.48 -7.05
CA THR A 188 -26.85 11.73 -5.66
C THR A 188 -26.00 12.83 -5.05
N PHE A 189 -24.68 12.71 -5.21
CA PHE A 189 -23.77 13.70 -4.64
C PHE A 189 -22.73 14.15 -5.65
N ASN A 190 -22.15 15.31 -5.37
CA ASN A 190 -21.11 15.88 -6.21
C ASN A 190 -20.00 16.42 -5.30
N ASP A 191 -18.77 15.99 -5.57
CA ASP A 191 -17.61 16.41 -4.79
C ASP A 191 -17.75 16.14 -3.29
N PRO A 192 -18.08 14.90 -2.91
CA PRO A 192 -18.22 14.58 -1.49
C PRO A 192 -16.97 14.83 -0.62
N GLN A 193 -15.80 14.58 -1.21
CA GLN A 193 -14.53 14.76 -0.51
C GLN A 193 -14.25 16.24 -0.23
N THR A 194 -14.54 17.09 -1.20
CA THR A 194 -14.31 18.52 -1.03
C THR A 194 -15.27 19.07 0.02
N PHE A 195 -16.51 18.60 -0.04
CA PHE A 195 -17.52 19.01 0.91
C PHE A 195 -17.12 18.68 2.36
N THR A 196 -16.89 17.40 2.64
CA THR A 196 -16.52 17.01 4.00
C THR A 196 -15.20 17.62 4.46
N SER A 197 -14.19 17.57 3.60
CA SER A 197 -12.89 18.11 3.98
C SER A 197 -12.87 19.63 4.22
N PHE A 198 -13.51 20.38 3.34
CA PHE A 198 -13.53 21.83 3.46
C PHE A 198 -14.54 22.40 4.42
N SER A 199 -15.61 21.65 4.66
CA SER A 199 -16.66 22.12 5.56
C SER A 199 -16.37 21.75 7.01
N TYR A 200 -15.66 20.64 7.21
CA TYR A 200 -15.35 20.17 8.55
C TYR A 200 -13.87 19.94 8.81
N GLY A 201 -13.06 19.97 7.77
CA GLY A 201 -11.63 19.78 7.97
C GLY A 201 -10.95 21.12 8.11
N THR A 202 -10.84 21.85 7.01
CA THR A 202 -10.19 23.15 7.02
C THR A 202 -11.17 24.22 7.47
N GLY A 203 -12.46 23.94 7.32
CA GLY A 203 -13.46 24.90 7.76
C GLY A 203 -13.73 26.07 6.83
N VAL A 204 -13.20 26.02 5.61
CA VAL A 204 -13.40 27.11 4.65
C VAL A 204 -14.81 27.11 4.05
N PHE A 205 -15.54 26.02 4.17
CA PHE A 205 -16.90 25.91 3.64
C PHE A 205 -17.91 25.95 4.78
N ALA A 206 -19.16 26.29 4.46
CA ALA A 206 -20.21 26.33 5.47
C ALA A 206 -20.24 24.91 6.07
N PRO A 207 -20.46 24.78 7.39
CA PRO A 207 -20.69 25.83 8.41
C PRO A 207 -19.44 26.49 8.96
N GLY A 208 -18.28 26.02 8.53
CA GLY A 208 -17.01 26.58 8.99
C GLY A 208 -16.44 25.94 10.23
N ARG A 209 -16.53 24.62 10.32
CA ARG A 209 -16.02 23.89 11.49
C ARG A 209 -14.61 23.33 11.28
N CYS A 210 -13.84 23.31 12.35
CA CYS A 210 -12.47 22.80 12.30
C CYS A 210 -11.96 22.57 13.71
N SER A 211 -10.88 21.80 13.84
CA SER A 211 -10.32 21.51 15.15
C SER A 211 -9.91 22.77 15.88
N PRO A 212 -10.09 22.81 17.21
CA PRO A 212 -9.71 23.99 17.99
C PRO A 212 -8.29 24.37 17.62
N GLY A 213 -7.96 25.66 17.67
CA GLY A 213 -6.62 26.07 17.33
C GLY A 213 -6.41 26.31 15.85
N LEU A 214 -7.41 26.01 15.04
CA LEU A 214 -7.32 26.22 13.60
C LEU A 214 -8.07 27.49 13.25
N ASP A 215 -7.78 28.05 12.08
CA ASP A 215 -8.43 29.29 11.67
C ASP A 215 -9.68 29.10 10.82
N CYS A 216 -10.82 29.07 11.49
CA CYS A 216 -12.10 28.95 10.82
C CYS A 216 -13.11 29.57 11.76
N ALA A 217 -14.29 29.90 11.24
CA ALA A 217 -15.35 30.52 12.03
C ALA A 217 -15.73 29.76 13.30
N TYR A 218 -15.74 28.43 13.24
CA TYR A 218 -16.09 27.64 14.42
C TYR A 218 -15.03 26.61 14.74
N PRO A 219 -13.92 27.03 15.35
CA PRO A 219 -12.83 26.12 15.71
C PRO A 219 -13.15 25.27 16.92
N THR A 220 -14.28 24.58 16.86
CA THR A 220 -14.71 23.74 17.97
C THR A 220 -15.19 22.36 17.53
N GLY A 221 -14.81 21.97 16.31
CA GLY A 221 -15.18 20.67 15.81
C GLY A 221 -13.97 19.76 15.89
N ASN A 222 -13.83 18.85 14.94
CA ASN A 222 -12.68 17.95 14.93
C ASN A 222 -12.30 17.63 13.50
N SER A 223 -11.30 18.33 12.99
CA SER A 223 -10.84 18.14 11.63
C SER A 223 -10.44 16.70 11.33
N LEU A 224 -10.08 15.97 12.38
CA LEU A 224 -9.64 14.59 12.24
C LEU A 224 -10.78 13.59 12.34
N VAL A 225 -11.95 14.09 12.70
CA VAL A 225 -13.09 13.20 12.89
C VAL A 225 -14.39 13.56 12.15
N GLU A 226 -14.75 14.83 12.19
CA GLU A 226 -15.98 15.26 11.54
C GLU A 226 -16.05 15.02 10.04
N PRO A 227 -14.94 15.24 9.31
CA PRO A 227 -15.04 14.99 7.87
C PRO A 227 -15.45 13.55 7.61
N TYR A 228 -14.92 12.63 8.42
CA TYR A 228 -15.24 11.22 8.24
C TYR A 228 -16.68 10.92 8.65
N THR A 229 -17.15 11.58 9.70
CA THR A 229 -18.53 11.38 10.14
C THR A 229 -19.45 11.83 9.00
N ALA A 230 -19.19 13.04 8.49
CA ALA A 230 -19.97 13.59 7.39
C ALA A 230 -19.87 12.67 6.18
N GLY A 231 -18.66 12.21 5.89
CA GLY A 231 -18.50 11.34 4.75
C GLY A 231 -19.27 10.05 4.91
N HIS A 232 -19.23 9.50 6.11
CA HIS A 232 -19.91 8.25 6.39
C HIS A 232 -21.39 8.44 6.12
N ASN A 233 -21.95 9.52 6.64
CA ASN A 233 -23.35 9.80 6.43
C ASN A 233 -23.70 10.01 4.96
N ILE A 234 -22.78 10.59 4.19
CA ILE A 234 -23.02 10.80 2.75
C ILE A 234 -23.11 9.46 2.03
N LEU A 235 -22.22 8.53 2.36
CA LEU A 235 -22.22 7.22 1.73
C LEU A 235 -23.47 6.43 2.09
N LEU A 236 -23.88 6.51 3.35
CA LEU A 236 -25.09 5.81 3.77
C LEU A 236 -26.27 6.43 3.01
N ALA A 237 -26.29 7.76 2.96
CA ALA A 237 -27.37 8.48 2.26
C ALA A 237 -27.43 8.06 0.79
N HIS A 238 -26.27 8.03 0.14
CA HIS A 238 -26.21 7.65 -1.26
C HIS A 238 -26.73 6.23 -1.45
N ALA A 239 -26.25 5.29 -0.62
CA ALA A 239 -26.66 3.91 -0.74
C ALA A 239 -28.17 3.78 -0.63
N GLU A 240 -28.73 4.41 0.39
CA GLU A 240 -30.16 4.38 0.65
C GLU A 240 -30.97 4.97 -0.52
N ALA A 241 -30.48 6.05 -1.12
CA ALA A 241 -31.19 6.66 -2.23
C ALA A 241 -31.15 5.79 -3.49
N VAL A 242 -30.01 5.14 -3.73
CA VAL A 242 -29.85 4.27 -4.91
C VAL A 242 -30.73 3.04 -4.71
N ASP A 243 -30.82 2.59 -3.47
CA ASP A 243 -31.63 1.44 -3.13
C ASP A 243 -33.07 1.77 -3.51
N LEU A 244 -33.51 2.93 -3.04
CA LEU A 244 -34.86 3.41 -3.32
C LEU A 244 -35.03 3.56 -4.81
N TYR A 245 -34.02 4.14 -5.46
CA TYR A 245 -34.10 4.37 -6.89
C TYR A 245 -34.21 3.08 -7.69
N ASN A 246 -33.30 2.15 -7.44
CA ASN A 246 -33.31 0.88 -8.14
C ASN A 246 -34.63 0.12 -7.97
N LYS A 247 -35.26 0.24 -6.81
CA LYS A 247 -36.50 -0.47 -6.54
C LYS A 247 -37.79 0.12 -7.13
N HIS A 248 -37.87 1.44 -7.24
CA HIS A 248 -39.10 2.05 -7.72
C HIS A 248 -39.06 3.01 -8.90
N TYR A 249 -37.88 3.53 -9.24
CA TYR A 249 -37.81 4.50 -10.32
C TYR A 249 -36.94 4.13 -11.50
N LYS A 250 -36.01 3.22 -11.28
CA LYS A 250 -35.08 2.78 -12.31
C LYS A 250 -35.78 2.16 -13.54
N ARG A 251 -35.32 2.56 -14.71
CA ARG A 251 -35.83 2.03 -15.96
C ARG A 251 -34.61 1.61 -16.76
N ASP A 252 -34.77 0.65 -17.66
CA ASP A 252 -33.66 0.18 -18.45
C ASP A 252 -32.87 1.33 -19.10
N ASP A 253 -33.52 2.46 -19.34
CA ASP A 253 -32.86 3.60 -19.98
C ASP A 253 -32.37 4.66 -19.01
N THR A 254 -32.56 4.46 -17.71
CA THR A 254 -32.11 5.45 -16.75
C THR A 254 -30.87 4.98 -15.98
N ARG A 255 -30.14 5.95 -15.42
CA ARG A 255 -28.94 5.64 -14.67
C ARG A 255 -28.79 6.55 -13.45
N ILE A 256 -28.04 6.08 -12.47
CA ILE A 256 -27.81 6.87 -11.26
C ILE A 256 -26.40 6.61 -10.77
N GLY A 257 -25.77 7.61 -10.18
CA GLY A 257 -24.43 7.47 -9.65
C GLY A 257 -24.09 8.68 -8.81
N LEU A 258 -22.80 9.02 -8.77
CA LEU A 258 -22.36 10.19 -8.03
C LEU A 258 -21.09 10.64 -8.68
N ALA A 259 -20.71 11.89 -8.44
CA ALA A 259 -19.50 12.43 -9.02
C ALA A 259 -18.47 12.68 -7.94
N PHE A 260 -17.22 12.32 -8.22
CA PHE A 260 -16.15 12.51 -7.26
C PHE A 260 -15.16 13.58 -7.70
N ASP A 261 -14.76 14.40 -6.75
CA ASP A 261 -13.77 15.42 -7.04
C ASP A 261 -12.44 14.68 -6.90
N VAL A 262 -11.51 14.94 -7.81
CA VAL A 262 -10.25 14.24 -7.68
C VAL A 262 -9.09 14.97 -8.35
N MET A 263 -7.96 14.99 -7.67
CA MET A 263 -6.76 15.60 -8.20
C MET A 263 -5.85 14.44 -8.52
N GLY A 264 -5.24 14.45 -9.70
CA GLY A 264 -4.34 13.37 -10.03
C GLY A 264 -3.15 13.38 -9.07
N ARG A 265 -2.53 12.22 -8.88
CA ARG A 265 -1.38 12.11 -7.99
C ARG A 265 -0.22 11.53 -8.76
N VAL A 266 0.94 12.14 -8.62
CA VAL A 266 2.14 11.66 -9.31
C VAL A 266 3.24 11.60 -8.25
N PRO A 267 3.95 10.46 -8.17
CA PRO A 267 5.00 10.35 -7.18
C PRO A 267 5.95 11.53 -7.21
N TYR A 268 6.12 12.19 -6.07
CA TYR A 268 7.01 13.34 -5.99
C TYR A 268 8.36 13.00 -6.62
N GLY A 269 9.02 12.00 -6.06
CA GLY A 269 10.31 11.57 -6.53
C GLY A 269 10.28 10.15 -7.06
N THR A 270 11.47 9.60 -7.30
CA THR A 270 11.66 8.25 -7.85
C THR A 270 11.68 7.15 -6.80
N SER A 271 11.75 7.52 -5.52
CA SER A 271 11.75 6.54 -4.45
C SER A 271 10.47 5.69 -4.48
N PHE A 272 10.55 4.43 -4.09
CA PHE A 272 9.35 3.61 -4.08
C PHE A 272 8.41 4.14 -2.99
N LEU A 273 8.97 4.90 -2.05
CA LEU A 273 8.19 5.46 -0.96
C LEU A 273 7.15 6.44 -1.53
N ASP A 274 7.58 7.31 -2.43
CA ASP A 274 6.64 8.25 -3.00
C ASP A 274 5.58 7.56 -3.83
N LYS A 275 5.90 6.41 -4.39
CA LYS A 275 4.92 5.65 -5.15
C LYS A 275 3.83 5.17 -4.17
N GLN A 276 4.25 4.81 -2.97
CA GLN A 276 3.32 4.37 -1.93
C GLN A 276 2.52 5.59 -1.46
N ALA A 277 3.19 6.72 -1.30
CA ALA A 277 2.54 7.96 -0.88
C ALA A 277 1.48 8.35 -1.92
N GLU A 278 1.83 8.18 -3.20
CA GLU A 278 0.92 8.48 -4.29
C GLU A 278 -0.29 7.56 -4.18
N GLU A 279 -0.07 6.29 -3.89
CA GLU A 279 -1.19 5.37 -3.76
C GLU A 279 -2.08 5.74 -2.57
N ARG A 280 -1.49 6.20 -1.50
CA ARG A 280 -2.28 6.57 -0.32
C ARG A 280 -3.09 7.83 -0.67
N SER A 281 -2.50 8.69 -1.49
CA SER A 281 -3.18 9.91 -1.87
C SER A 281 -4.39 9.62 -2.77
N TRP A 282 -4.27 8.71 -3.75
CA TRP A 282 -5.42 8.38 -4.60
C TRP A 282 -6.52 7.83 -3.66
N ASP A 283 -6.11 6.96 -2.75
CA ASP A 283 -7.02 6.35 -1.79
C ASP A 283 -7.80 7.34 -0.96
N ILE A 284 -7.12 8.31 -0.37
CA ILE A 284 -7.79 9.26 0.50
C ILE A 284 -8.63 10.30 -0.27
N ASN A 285 -8.26 10.58 -1.51
CA ASN A 285 -9.00 11.56 -2.33
C ASN A 285 -10.13 10.87 -3.10
N LEU A 286 -9.78 9.95 -3.99
CA LEU A 286 -10.76 9.24 -4.79
C LEU A 286 -11.34 8.00 -4.11
N GLY A 287 -10.46 7.13 -3.61
CA GLY A 287 -10.89 5.91 -2.96
C GLY A 287 -11.88 6.09 -1.83
N TRP A 288 -11.70 7.14 -1.04
CA TRP A 288 -12.56 7.44 0.12
C TRP A 288 -14.06 7.20 -0.15
N PHE A 289 -14.54 7.73 -1.27
CA PHE A 289 -15.93 7.56 -1.64
C PHE A 289 -16.15 6.56 -2.77
N LEU A 290 -15.13 6.32 -3.59
CA LEU A 290 -15.29 5.38 -4.71
C LEU A 290 -15.28 3.91 -4.29
N GLU A 291 -14.30 3.51 -3.49
CA GLU A 291 -14.24 2.10 -3.11
C GLU A 291 -15.49 1.65 -2.37
N PRO A 292 -16.02 2.51 -1.48
CA PRO A 292 -17.23 2.11 -0.75
C PRO A 292 -18.38 1.79 -1.73
N VAL A 293 -18.56 2.60 -2.76
CA VAL A 293 -19.64 2.33 -3.70
C VAL A 293 -19.29 1.20 -4.66
N VAL A 294 -18.01 0.82 -4.72
CA VAL A 294 -17.62 -0.27 -5.60
C VAL A 294 -17.65 -1.61 -4.87
N ARG A 295 -16.90 -1.72 -3.77
CA ARG A 295 -16.83 -2.98 -3.04
C ARG A 295 -17.55 -2.99 -1.70
N GLY A 296 -18.04 -1.83 -1.28
CA GLY A 296 -18.76 -1.78 -0.02
C GLY A 296 -18.00 -1.35 1.22
N ASP A 297 -16.77 -0.87 1.08
CA ASP A 297 -16.01 -0.44 2.26
C ASP A 297 -14.87 0.47 1.84
N TYR A 298 -14.35 1.25 2.81
CA TYR A 298 -13.25 2.19 2.59
C TYR A 298 -11.94 1.51 2.16
N PRO A 299 -11.00 2.31 1.59
CA PRO A 299 -9.71 1.74 1.17
C PRO A 299 -9.01 1.18 2.39
N PHE A 300 -8.28 0.09 2.21
CA PHE A 300 -7.58 -0.51 3.33
C PHE A 300 -6.67 0.51 3.99
N SER A 301 -5.97 1.30 3.16
CA SER A 301 -5.05 2.30 3.67
C SER A 301 -5.72 3.27 4.65
N MET A 302 -6.92 3.74 4.30
CA MET A 302 -7.64 4.68 5.15
C MET A 302 -8.01 4.05 6.49
N ARG A 303 -8.51 2.83 6.45
CA ARG A 303 -8.87 2.13 7.67
C ARG A 303 -7.65 1.94 8.55
N SER A 304 -6.52 1.60 7.96
CA SER A 304 -5.31 1.37 8.74
C SER A 304 -4.73 2.66 9.28
N LEU A 305 -5.06 3.77 8.65
CA LEU A 305 -4.52 5.06 9.08
C LEU A 305 -5.46 5.92 9.93
N ALA A 306 -6.69 6.14 9.47
CA ALA A 306 -7.65 6.94 10.23
C ALA A 306 -8.07 6.15 11.48
N ARG A 307 -8.14 4.83 11.35
CA ARG A 307 -8.50 3.95 12.45
C ARG A 307 -9.96 4.08 12.90
N GLU A 308 -10.13 4.31 14.20
CA GLU A 308 -11.45 4.45 14.79
C GLU A 308 -12.15 5.70 14.31
N ARG A 309 -11.36 6.68 13.83
CA ARG A 309 -11.92 7.94 13.34
C ARG A 309 -12.72 7.77 12.06
N LEU A 310 -12.66 6.57 11.49
CA LEU A 310 -13.39 6.24 10.29
C LEU A 310 -14.39 5.15 10.67
N PRO A 311 -15.68 5.49 10.76
CA PRO A 311 -16.74 4.55 11.12
C PRO A 311 -16.75 3.28 10.27
N PHE A 312 -17.29 2.21 10.84
CA PHE A 312 -17.41 0.93 10.14
C PHE A 312 -18.87 0.79 9.68
N PHE A 313 -19.07 0.21 8.50
CA PHE A 313 -20.41 0.00 7.96
C PHE A 313 -21.01 -1.28 8.51
N LYS A 314 -22.34 -1.35 8.60
CA LYS A 314 -22.95 -2.58 9.07
C LYS A 314 -22.91 -3.50 7.85
N ASP A 315 -23.00 -4.81 8.06
CA ASP A 315 -22.96 -5.74 6.93
C ASP A 315 -24.01 -5.44 5.88
N GLU A 316 -25.20 -5.01 6.29
CA GLU A 316 -26.25 -4.70 5.35
C GLU A 316 -26.02 -3.38 4.62
N GLN A 317 -25.16 -2.53 5.20
CA GLN A 317 -24.88 -1.25 4.57
C GLN A 317 -23.91 -1.48 3.41
N LYS A 318 -23.00 -2.44 3.60
CA LYS A 318 -22.01 -2.80 2.57
C LYS A 318 -22.69 -3.37 1.32
N GLU A 319 -23.68 -4.24 1.50
CA GLU A 319 -24.37 -4.82 0.35
C GLU A 319 -24.97 -3.73 -0.52
N LYS A 320 -25.64 -2.78 0.14
CA LYS A 320 -26.28 -1.67 -0.53
C LYS A 320 -25.26 -0.76 -1.20
N LEU A 321 -24.15 -0.52 -0.52
CA LEU A 321 -23.12 0.34 -1.07
C LEU A 321 -22.45 -0.26 -2.29
N ALA A 322 -22.15 -1.55 -2.20
CA ALA A 322 -21.48 -2.27 -3.27
C ALA A 322 -22.27 -2.30 -4.58
N GLY A 323 -21.71 -1.64 -5.60
CA GLY A 323 -22.33 -1.56 -6.90
C GLY A 323 -23.48 -0.58 -6.99
N SER A 324 -23.55 0.38 -6.06
CA SER A 324 -24.62 1.35 -6.03
C SER A 324 -24.45 2.48 -7.06
N TYR A 325 -24.34 2.11 -8.33
CA TYR A 325 -24.16 3.09 -9.40
C TYR A 325 -24.22 2.40 -10.76
N ASN A 326 -24.57 3.17 -11.78
CA ASN A 326 -24.66 2.67 -13.15
C ASN A 326 -23.64 3.43 -13.96
N MET A 327 -23.16 4.51 -13.35
CA MET A 327 -22.18 5.38 -13.98
C MET A 327 -21.54 6.22 -12.88
N LEU A 328 -20.35 6.76 -13.19
CA LEU A 328 -19.61 7.56 -12.23
C LEU A 328 -19.11 8.88 -12.83
N GLY A 329 -19.24 9.94 -12.05
CA GLY A 329 -18.79 11.25 -12.49
C GLY A 329 -17.43 11.53 -11.90
N LEU A 330 -16.59 12.20 -12.68
CA LEU A 330 -15.26 12.55 -12.24
C LEU A 330 -15.06 14.04 -12.46
N ASN A 331 -14.82 14.78 -11.39
CA ASN A 331 -14.60 16.21 -11.53
C ASN A 331 -13.11 16.43 -11.40
N TYR A 332 -12.47 16.60 -12.56
CA TYR A 332 -11.02 16.78 -12.61
C TYR A 332 -10.60 18.20 -12.99
N TYR A 333 -9.61 18.72 -12.30
CA TYR A 333 -9.11 20.05 -12.57
C TYR A 333 -7.60 20.11 -12.63
N THR A 334 -6.95 19.43 -11.70
CA THR A 334 -5.50 19.48 -11.63
C THR A 334 -4.94 18.24 -10.93
N SER A 335 -3.61 18.19 -10.78
CA SER A 335 -2.91 17.10 -10.12
C SER A 335 -1.85 17.64 -9.17
N ARG A 336 -1.24 16.74 -8.40
CA ARG A 336 -0.20 17.10 -7.42
C ARG A 336 0.86 16.00 -7.33
N PHE A 337 2.02 16.35 -6.83
CA PHE A 337 3.08 15.37 -6.61
C PHE A 337 2.87 14.93 -5.16
N SER A 338 2.81 13.62 -4.93
CA SER A 338 2.62 13.11 -3.58
C SER A 338 3.98 12.74 -3.01
N LYS A 339 4.35 13.38 -1.91
CA LYS A 339 5.64 13.13 -1.27
C LYS A 339 5.47 12.37 0.04
N ASN A 340 6.18 11.26 0.17
CA ASN A 340 6.10 10.43 1.36
C ASN A 340 6.39 11.14 2.68
N ILE A 341 5.65 10.72 3.70
CA ILE A 341 5.79 11.21 5.06
C ILE A 341 5.75 9.95 5.91
N ASP A 342 6.83 9.69 6.63
CA ASP A 342 6.90 8.50 7.46
C ASP A 342 6.11 8.61 8.74
N ILE A 343 5.56 7.48 9.17
CA ILE A 343 4.83 7.42 10.42
C ILE A 343 5.94 7.55 11.46
N SER A 344 5.79 8.47 12.39
CA SER A 344 6.81 8.69 13.40
C SER A 344 6.26 9.50 14.56
N PRO A 345 6.92 9.47 15.72
CA PRO A 345 6.43 10.24 16.86
C PRO A 345 6.54 11.73 16.58
N ASN A 346 7.23 12.07 15.51
CA ASN A 346 7.41 13.47 15.14
C ASN A 346 6.28 13.99 14.27
N TYR A 347 5.41 13.09 13.81
CA TYR A 347 4.32 13.51 12.95
C TYR A 347 2.95 13.12 13.47
N SER A 348 2.04 14.09 13.49
CA SER A 348 0.67 13.87 13.94
C SER A 348 -0.26 14.55 12.97
N PRO A 349 -1.21 13.79 12.40
CA PRO A 349 -2.13 14.43 11.46
C PRO A 349 -2.92 15.52 12.20
N VAL A 350 -3.33 16.55 11.47
CA VAL A 350 -4.12 17.64 12.05
C VAL A 350 -5.42 17.70 11.26
N LEU A 351 -5.33 17.50 9.95
CA LEU A 351 -6.50 17.49 9.09
C LEU A 351 -6.74 16.05 8.67
N ASN A 352 -7.99 15.74 8.33
CA ASN A 352 -8.34 14.41 7.88
C ASN A 352 -7.44 13.98 6.72
N THR A 353 -7.13 14.91 5.84
CA THR A 353 -6.28 14.63 4.68
C THR A 353 -4.83 14.28 5.05
N ASP A 354 -4.39 14.68 6.24
CA ASP A 354 -3.01 14.34 6.61
C ASP A 354 -2.89 12.84 6.86
N ASP A 355 -4.02 12.17 7.11
CA ASP A 355 -4.00 10.73 7.37
C ASP A 355 -3.38 9.93 6.22
N ALA A 356 -3.20 10.57 5.07
CA ALA A 356 -2.60 9.90 3.93
C ALA A 356 -1.08 9.81 4.08
N TYR A 357 -0.51 10.55 5.02
CA TYR A 357 0.93 10.54 5.22
C TYR A 357 1.67 10.86 3.93
N ALA A 358 1.26 11.97 3.31
CA ALA A 358 1.88 12.41 2.07
C ALA A 358 1.51 13.87 1.84
N SER A 359 2.51 14.66 1.47
CA SER A 359 2.25 16.05 1.19
C SER A 359 1.96 16.12 -0.30
N GLN A 360 1.05 16.98 -0.68
CA GLN A 360 0.69 17.15 -2.08
C GLN A 360 1.39 18.41 -2.56
N GLU A 361 2.40 18.24 -3.42
CA GLU A 361 3.18 19.36 -3.90
C GLU A 361 2.79 19.87 -5.28
N VAL A 362 2.83 21.18 -5.44
CA VAL A 362 2.56 21.80 -6.73
C VAL A 362 3.84 21.65 -7.55
N ASN A 363 4.97 21.86 -6.88
CA ASN A 363 6.27 21.74 -7.52
C ASN A 363 6.97 20.44 -7.28
N GLY A 364 7.53 19.89 -8.35
CA GLY A 364 8.26 18.64 -8.26
C GLY A 364 9.63 18.93 -7.68
N PRO A 365 10.50 17.92 -7.58
CA PRO A 365 11.84 18.12 -7.01
C PRO A 365 12.71 19.11 -7.77
N ASP A 366 12.35 19.39 -9.03
CA ASP A 366 13.11 20.32 -9.85
C ASP A 366 12.65 21.78 -9.70
N GLY A 367 11.70 22.01 -8.80
CA GLY A 367 11.23 23.37 -8.58
C GLY A 367 10.19 23.85 -9.57
N LYS A 368 9.96 23.06 -10.62
CA LYS A 368 8.97 23.42 -11.64
C LYS A 368 7.64 22.82 -11.22
N PRO A 369 6.53 23.52 -11.47
CA PRO A 369 5.19 23.03 -11.11
C PRO A 369 4.81 21.85 -11.97
N ILE A 370 3.95 21.01 -11.44
CA ILE A 370 3.49 19.83 -12.15
C ILE A 370 2.93 20.21 -13.51
N GLY A 371 2.50 21.45 -13.63
CA GLY A 371 1.94 21.93 -14.88
C GLY A 371 1.80 23.45 -14.86
N PRO A 372 1.54 24.09 -16.00
CA PRO A 372 1.40 25.55 -16.03
C PRO A 372 0.21 26.07 -15.23
N PRO A 373 0.40 27.18 -14.50
CA PRO A 373 -0.67 27.77 -13.70
C PRO A 373 -1.83 28.27 -14.58
N MET A 374 -3.06 27.99 -14.17
CA MET A 374 -4.24 28.42 -14.93
C MET A 374 -4.88 29.73 -14.47
N GLY A 375 -4.34 30.34 -13.43
CA GLY A 375 -4.91 31.60 -12.98
C GLY A 375 -5.13 31.73 -11.50
N ASN A 376 -6.08 30.96 -10.96
CA ASN A 376 -6.37 31.04 -9.54
C ASN A 376 -5.28 30.37 -8.69
N PRO A 377 -5.40 30.41 -7.36
CA PRO A 377 -4.40 29.80 -6.50
C PRO A 377 -4.18 28.29 -6.50
N TRP A 378 -5.05 27.51 -7.14
CA TRP A 378 -4.87 26.07 -7.11
C TRP A 378 -4.84 25.29 -8.41
N ILE A 379 -5.52 25.75 -9.45
CA ILE A 379 -5.53 24.99 -10.70
C ILE A 379 -4.25 25.05 -11.53
N TYR A 380 -3.68 23.87 -11.79
CA TYR A 380 -2.48 23.75 -12.61
C TYR A 380 -2.81 22.75 -13.70
N MET A 381 -2.58 23.15 -14.95
CA MET A 381 -2.89 22.28 -16.08
C MET A 381 -1.96 21.07 -16.17
N TYR A 382 -2.58 19.90 -16.18
CA TYR A 382 -1.88 18.62 -16.26
C TYR A 382 -2.90 17.58 -16.73
N PRO A 383 -3.23 17.63 -18.03
CA PRO A 383 -4.20 16.68 -18.60
C PRO A 383 -3.75 15.23 -18.43
N GLU A 384 -2.44 15.02 -18.31
CA GLU A 384 -1.93 13.68 -18.15
C GLU A 384 -2.52 13.08 -16.87
N GLY A 385 -2.77 13.94 -15.88
CA GLY A 385 -3.36 13.47 -14.64
C GLY A 385 -4.71 12.83 -14.90
N LEU A 386 -5.50 13.44 -15.77
CA LEU A 386 -6.82 12.91 -16.09
C LEU A 386 -6.62 11.52 -16.72
N LYS A 387 -5.59 11.41 -17.54
CA LYS A 387 -5.29 10.14 -18.19
C LYS A 387 -5.01 9.06 -17.16
N ASP A 388 -4.18 9.37 -16.18
CA ASP A 388 -3.84 8.40 -15.13
C ASP A 388 -5.09 8.00 -14.36
N LEU A 389 -5.93 8.98 -14.03
CA LEU A 389 -7.15 8.72 -13.30
C LEU A 389 -8.04 7.76 -14.08
N LEU A 390 -8.17 8.00 -15.39
CA LEU A 390 -9.01 7.13 -16.21
C LEU A 390 -8.44 5.72 -16.34
N MET A 391 -7.12 5.60 -16.27
CA MET A 391 -6.45 4.30 -16.33
C MET A 391 -6.74 3.52 -15.06
N ILE A 392 -6.75 4.23 -13.93
CA ILE A 392 -7.06 3.62 -12.64
C ILE A 392 -8.51 3.16 -12.67
N MET A 393 -9.43 4.03 -13.08
CA MET A 393 -10.84 3.65 -13.13
C MET A 393 -11.02 2.45 -14.04
N LYS A 394 -10.23 2.39 -15.12
CA LYS A 394 -10.33 1.29 -16.06
C LYS A 394 -9.70 -0.02 -15.59
N ASN A 395 -8.46 0.05 -15.11
CA ASN A 395 -7.75 -1.16 -14.68
C ASN A 395 -8.01 -1.63 -13.26
N LYS A 396 -8.30 -0.70 -12.35
CA LYS A 396 -8.53 -1.08 -10.98
C LYS A 396 -9.98 -1.17 -10.53
N TYR A 397 -10.82 -0.24 -10.99
CA TYR A 397 -12.22 -0.23 -10.56
C TYR A 397 -13.32 -0.70 -11.52
N GLY A 398 -13.02 -1.67 -12.38
CA GLY A 398 -14.02 -2.22 -13.29
C GLY A 398 -14.35 -1.47 -14.57
N ASN A 399 -13.64 -0.37 -14.83
CA ASN A 399 -13.86 0.41 -16.06
C ASN A 399 -15.35 0.72 -16.29
N PRO A 400 -16.02 1.34 -15.29
CA PRO A 400 -17.44 1.69 -15.38
C PRO A 400 -17.67 2.90 -16.29
N PRO A 401 -18.93 3.15 -16.67
CA PRO A 401 -19.20 4.29 -17.53
C PRO A 401 -18.74 5.53 -16.75
N ILE A 402 -17.92 6.37 -17.38
CA ILE A 402 -17.39 7.57 -16.75
C ILE A 402 -17.77 8.86 -17.46
N TYR A 403 -18.20 9.85 -16.69
CA TYR A 403 -18.51 11.16 -17.24
C TYR A 403 -17.62 12.16 -16.51
N ILE A 404 -16.93 13.00 -17.26
CA ILE A 404 -16.10 14.02 -16.65
C ILE A 404 -17.13 15.10 -16.37
N THR A 405 -17.68 15.05 -15.17
CA THR A 405 -18.71 15.97 -14.77
C THR A 405 -18.26 17.40 -14.47
N GLU A 406 -16.96 17.63 -14.42
CA GLU A 406 -16.43 18.97 -14.18
C GLU A 406 -15.02 19.06 -14.70
N ASN A 407 -14.73 20.20 -15.33
CA ASN A 407 -13.40 20.46 -15.88
C ASN A 407 -13.38 21.90 -16.35
N GLY A 408 -12.43 22.67 -15.85
CA GLY A 408 -12.33 24.06 -16.23
C GLY A 408 -11.36 24.82 -15.36
N ILE A 409 -11.29 26.13 -15.56
CA ILE A 409 -10.40 26.97 -14.77
C ILE A 409 -11.15 28.21 -14.36
N GLY A 410 -10.56 28.95 -13.42
CA GLY A 410 -11.18 30.16 -12.95
C GLY A 410 -10.32 31.37 -13.25
N ASP A 411 -10.88 32.31 -13.98
CA ASP A 411 -10.17 33.53 -14.32
C ASP A 411 -10.33 34.45 -13.13
N VAL A 412 -9.22 34.94 -12.59
CA VAL A 412 -9.30 35.84 -11.45
C VAL A 412 -9.85 37.19 -11.86
N ASP A 413 -10.77 37.70 -11.06
CA ASP A 413 -11.39 38.99 -11.30
C ASP A 413 -11.68 39.57 -9.93
N THR A 414 -10.76 40.39 -9.44
CA THR A 414 -10.90 40.99 -8.14
C THR A 414 -11.15 42.49 -8.21
N LYS A 415 -11.44 43.08 -7.06
CA LYS A 415 -11.69 44.51 -6.97
C LYS A 415 -10.40 45.27 -7.22
N GLU A 416 -9.28 44.69 -6.78
CA GLU A 416 -7.97 45.30 -6.93
C GLU A 416 -7.41 45.07 -8.33
N THR A 417 -7.82 43.97 -8.95
CA THR A 417 -7.34 43.63 -10.28
C THR A 417 -8.52 43.09 -11.10
N PRO A 418 -9.39 43.99 -11.55
CA PRO A 418 -10.58 43.68 -12.35
C PRO A 418 -10.22 43.05 -13.68
N LEU A 419 -11.02 42.08 -14.10
CA LEU A 419 -10.79 41.42 -15.38
C LEU A 419 -11.65 42.18 -16.39
N PRO A 420 -11.03 42.93 -17.31
CA PRO A 420 -11.80 43.67 -18.30
C PRO A 420 -12.73 42.71 -19.03
N MET A 421 -13.98 43.13 -19.29
CA MET A 421 -14.93 42.25 -19.98
C MET A 421 -14.27 41.72 -21.25
N GLU A 422 -13.45 42.57 -21.84
CA GLU A 422 -12.74 42.24 -23.07
C GLU A 422 -11.81 41.06 -22.82
N ALA A 423 -11.04 41.14 -21.74
CA ALA A 423 -10.10 40.10 -21.37
C ALA A 423 -10.84 38.85 -20.87
N ALA A 424 -12.02 39.06 -20.28
CA ALA A 424 -12.84 37.97 -19.76
C ALA A 424 -13.47 37.16 -20.89
N LEU A 425 -13.81 37.83 -21.98
CA LEU A 425 -14.42 37.15 -23.12
C LEU A 425 -13.40 36.44 -23.97
N ASN A 426 -12.16 36.94 -23.97
CA ASN A 426 -11.06 36.34 -24.72
C ASN A 426 -10.37 35.32 -23.83
N ASP A 427 -11.12 34.31 -23.38
CA ASP A 427 -10.58 33.29 -22.47
C ASP A 427 -9.87 32.17 -23.23
N TYR A 428 -8.76 32.53 -23.85
CA TYR A 428 -7.96 31.57 -24.62
C TYR A 428 -7.23 30.59 -23.71
N LYS A 429 -6.89 31.03 -22.50
CA LYS A 429 -6.23 30.13 -21.57
C LYS A 429 -7.22 29.04 -21.20
N ARG A 430 -8.50 29.39 -21.12
CA ARG A 430 -9.54 28.42 -20.79
C ARG A 430 -9.77 27.49 -21.98
N LEU A 431 -9.79 28.08 -23.19
CA LEU A 431 -10.02 27.31 -24.40
C LEU A 431 -8.93 26.26 -24.58
N ASP A 432 -7.69 26.68 -24.43
CA ASP A 432 -6.55 25.78 -24.55
C ASP A 432 -6.69 24.63 -23.55
N TYR A 433 -6.97 24.99 -22.30
CA TYR A 433 -7.15 24.02 -21.22
C TYR A 433 -8.23 23.00 -21.58
N ILE A 434 -9.38 23.49 -22.03
CA ILE A 434 -10.49 22.60 -22.40
C ILE A 434 -10.15 21.71 -23.58
N GLN A 435 -9.58 22.30 -24.63
CA GLN A 435 -9.25 21.52 -25.81
C GLN A 435 -8.28 20.42 -25.44
N ARG A 436 -7.30 20.74 -24.59
CA ARG A 436 -6.31 19.76 -24.17
C ARG A 436 -6.91 18.62 -23.37
N HIS A 437 -7.85 18.91 -22.49
CA HIS A 437 -8.43 17.84 -21.72
C HIS A 437 -9.31 16.97 -22.61
N ILE A 438 -10.05 17.59 -23.51
CA ILE A 438 -10.92 16.85 -24.42
C ILE A 438 -10.06 15.91 -25.28
N ALA A 439 -8.85 16.36 -25.63
CA ALA A 439 -7.96 15.53 -26.44
C ALA A 439 -7.52 14.35 -25.61
N THR A 440 -7.33 14.56 -24.32
CA THR A 440 -6.91 13.50 -23.43
C THR A 440 -7.96 12.41 -23.36
N LEU A 441 -9.23 12.80 -23.38
CA LEU A 441 -10.30 11.79 -23.33
C LEU A 441 -10.24 10.93 -24.58
N LYS A 442 -9.83 11.55 -25.69
CA LYS A 442 -9.71 10.82 -26.94
C LYS A 442 -8.62 9.76 -26.77
N GLU A 443 -7.47 10.17 -26.26
CA GLU A 443 -6.37 9.24 -26.07
C GLU A 443 -6.77 8.11 -25.12
N SER A 444 -7.50 8.47 -24.06
CA SER A 444 -7.94 7.49 -23.08
C SER A 444 -8.98 6.57 -23.67
N ILE A 445 -9.86 7.11 -24.52
CA ILE A 445 -10.90 6.29 -25.13
C ILE A 445 -10.27 5.21 -26.01
N ASP A 446 -9.24 5.59 -26.76
CA ASP A 446 -8.58 4.63 -27.63
C ASP A 446 -7.89 3.57 -26.80
N LEU A 447 -7.49 3.94 -25.59
CA LEU A 447 -6.82 3.01 -24.69
C LEU A 447 -7.79 2.08 -23.97
N GLY A 448 -9.07 2.17 -24.31
CA GLY A 448 -10.07 1.30 -23.70
C GLY A 448 -10.90 1.93 -22.58
N SER A 449 -10.59 3.17 -22.23
CA SER A 449 -11.32 3.87 -21.16
C SER A 449 -12.82 3.96 -21.51
N ASN A 450 -13.66 3.79 -20.50
CA ASN A 450 -15.11 3.82 -20.68
C ASN A 450 -15.74 5.20 -20.48
N VAL A 451 -15.00 6.25 -20.82
CA VAL A 451 -15.48 7.63 -20.70
C VAL A 451 -16.58 7.85 -21.73
N GLN A 452 -17.73 8.35 -21.27
CA GLN A 452 -18.90 8.56 -22.15
C GLN A 452 -19.27 10.01 -22.39
N GLY A 453 -18.71 10.94 -21.61
CA GLY A 453 -19.05 12.33 -21.78
C GLY A 453 -18.13 13.31 -21.07
N TYR A 454 -18.29 14.59 -21.40
CA TYR A 454 -17.49 15.64 -20.83
C TYR A 454 -18.37 16.86 -20.60
N PHE A 455 -18.32 17.40 -19.39
CA PHE A 455 -19.09 18.59 -19.02
C PHE A 455 -18.15 19.71 -18.62
N ALA A 456 -18.11 20.77 -19.42
CA ALA A 456 -17.28 21.92 -19.12
C ALA A 456 -17.79 22.52 -17.82
N TRP A 457 -16.94 22.63 -16.80
CA TRP A 457 -17.47 23.20 -15.57
C TRP A 457 -17.65 24.68 -15.61
N SER A 458 -18.91 25.02 -15.36
CA SER A 458 -19.41 26.36 -15.28
C SER A 458 -19.90 26.85 -16.61
N LEU A 459 -21.19 26.74 -16.80
CA LEU A 459 -21.83 27.21 -17.99
C LEU A 459 -21.73 28.72 -17.83
N LEU A 460 -21.94 29.17 -16.60
CA LEU A 460 -21.94 30.59 -16.26
C LEU A 460 -20.93 31.03 -15.21
N ASP A 461 -20.51 32.29 -15.27
CA ASP A 461 -19.62 32.83 -14.25
C ASP A 461 -20.56 32.82 -13.05
N ASN A 462 -20.07 32.44 -11.87
CA ASN A 462 -20.97 32.42 -10.71
C ASN A 462 -20.26 32.54 -9.35
N PHE A 463 -21.03 32.37 -8.27
CA PHE A 463 -20.48 32.45 -6.93
C PHE A 463 -19.54 31.26 -6.75
N GLU A 464 -18.31 31.52 -6.30
CA GLU A 464 -17.34 30.45 -6.10
C GLU A 464 -17.00 30.17 -4.65
N TRP A 465 -18.03 29.88 -3.86
CA TRP A 465 -17.88 29.55 -2.46
C TRP A 465 -17.00 30.54 -1.68
N PHE A 466 -15.99 30.06 -0.95
CA PHE A 466 -15.17 30.99 -0.18
C PHE A 466 -14.45 32.03 -1.04
N ALA A 467 -14.30 31.75 -2.34
CA ALA A 467 -13.65 32.69 -3.23
C ALA A 467 -14.67 33.75 -3.67
N GLY A 468 -15.94 33.49 -3.39
CA GLY A 468 -16.98 34.43 -3.76
C GLY A 468 -17.07 34.69 -5.26
N PHE A 469 -16.98 35.96 -5.64
CA PHE A 469 -17.06 36.33 -7.04
C PHE A 469 -15.69 36.72 -7.59
N THR A 470 -14.63 36.37 -6.89
CA THR A 470 -13.29 36.72 -7.35
C THR A 470 -12.79 35.83 -8.48
N GLU A 471 -13.59 34.84 -8.86
CA GLU A 471 -13.20 33.92 -9.92
C GLU A 471 -14.31 33.62 -10.91
N ARG A 472 -13.98 33.72 -12.19
CA ARG A 472 -14.91 33.47 -13.28
C ARG A 472 -14.56 32.14 -13.96
N TYR A 473 -15.39 31.13 -13.69
CA TYR A 473 -15.20 29.79 -14.23
C TYR A 473 -16.06 29.51 -15.46
N GLY A 474 -16.99 30.41 -15.77
CA GLY A 474 -17.88 30.17 -16.88
C GLY A 474 -17.31 30.23 -18.29
N ILE A 475 -17.98 29.53 -19.21
CA ILE A 475 -17.59 29.56 -20.61
C ILE A 475 -18.50 30.66 -21.16
N VAL A 476 -19.47 31.05 -20.33
CA VAL A 476 -20.43 32.10 -20.65
C VAL A 476 -20.24 33.18 -19.59
N TYR A 477 -19.99 34.41 -20.04
CA TYR A 477 -19.78 35.54 -19.15
C TYR A 477 -21.09 36.02 -18.55
N VAL A 478 -21.02 36.54 -17.34
CA VAL A 478 -22.21 37.07 -16.67
C VAL A 478 -21.84 38.46 -16.20
N ASP A 479 -22.54 39.46 -16.75
CA ASP A 479 -22.31 40.85 -16.38
C ASP A 479 -23.33 41.18 -15.31
N ARG A 480 -22.95 40.98 -14.06
CA ARG A 480 -23.85 41.26 -12.94
C ARG A 480 -24.14 42.74 -12.78
N ASN A 481 -23.39 43.57 -13.50
CA ASN A 481 -23.58 45.01 -13.47
C ASN A 481 -24.84 45.32 -14.27
N ASN A 482 -25.04 44.59 -15.37
CA ASN A 482 -26.21 44.77 -16.21
C ASN A 482 -27.20 43.60 -16.12
N ASN A 483 -27.95 43.56 -15.03
CA ASN A 483 -28.95 42.51 -14.80
C ASN A 483 -28.47 41.09 -15.09
N CYS A 484 -27.18 40.84 -14.86
CA CYS A 484 -26.59 39.52 -15.08
C CYS A 484 -26.66 39.08 -16.54
N THR A 485 -26.42 40.02 -17.45
CA THR A 485 -26.46 39.72 -18.87
C THR A 485 -25.42 38.68 -19.22
N ARG A 486 -25.80 37.72 -20.05
CA ARG A 486 -24.88 36.65 -20.45
C ARG A 486 -24.26 36.82 -21.83
N TYR A 487 -22.94 36.70 -21.90
CA TYR A 487 -22.21 36.82 -23.15
C TYR A 487 -21.27 35.62 -23.37
N MET A 488 -21.39 34.94 -24.50
CA MET A 488 -20.53 33.80 -24.77
C MET A 488 -19.08 34.24 -24.80
N LYS A 489 -18.18 33.39 -24.30
CA LYS A 489 -16.75 33.70 -24.32
C LYS A 489 -16.17 32.96 -25.52
N GLU A 490 -14.85 33.07 -25.74
CA GLU A 490 -14.21 32.40 -26.86
C GLU A 490 -14.29 30.88 -26.70
N SER A 491 -14.13 30.42 -25.46
CA SER A 491 -14.21 28.98 -25.17
C SER A 491 -15.59 28.48 -25.59
N ALA A 492 -16.62 29.23 -25.23
CA ALA A 492 -18.00 28.89 -25.56
C ALA A 492 -18.17 28.92 -27.09
N LYS A 493 -17.44 29.84 -27.72
CA LYS A 493 -17.50 29.99 -29.17
C LYS A 493 -16.98 28.70 -29.79
N TRP A 494 -15.79 28.27 -29.34
CA TRP A 494 -15.19 27.05 -29.87
C TRP A 494 -16.03 25.82 -29.61
N LEU A 495 -16.66 25.74 -28.44
CA LEU A 495 -17.48 24.58 -28.12
C LEU A 495 -18.65 24.51 -29.08
N LYS A 496 -19.20 25.66 -29.44
CA LYS A 496 -20.33 25.75 -30.36
C LYS A 496 -19.89 25.20 -31.71
N GLU A 497 -18.77 25.71 -32.19
CA GLU A 497 -18.18 25.29 -33.45
C GLU A 497 -17.89 23.79 -33.42
N PHE A 498 -17.42 23.31 -32.27
CA PHE A 498 -17.10 21.90 -32.07
C PHE A 498 -18.35 21.02 -32.18
N ASN A 499 -19.39 21.38 -31.45
CA ASN A 499 -20.64 20.64 -31.47
C ASN A 499 -21.47 20.78 -32.74
N THR A 500 -21.34 21.91 -33.42
CA THR A 500 -22.14 22.16 -34.62
C THR A 500 -21.55 21.81 -35.97
N ALA A 501 -20.24 21.70 -36.07
CA ALA A 501 -19.58 21.36 -37.33
C ALA A 501 -20.16 20.06 -37.90
N LEU B 13 12.19 -33.13 -16.13
CA LEU B 13 12.93 -31.93 -16.64
C LEU B 13 13.77 -32.28 -17.86
N SER B 14 13.71 -31.44 -18.88
CA SER B 14 14.45 -31.70 -20.11
C SER B 14 15.96 -31.54 -19.98
N PRO B 15 16.73 -32.33 -20.73
CA PRO B 15 18.19 -32.30 -20.70
C PRO B 15 18.72 -30.95 -21.18
N SER B 16 17.93 -30.27 -21.99
CA SER B 16 18.31 -28.95 -22.49
C SER B 16 17.96 -27.96 -21.39
N GLU B 17 17.10 -28.42 -20.48
CA GLU B 17 16.64 -27.63 -19.35
C GLU B 17 17.48 -27.76 -18.09
N ILE B 18 18.45 -28.66 -18.12
CA ILE B 18 19.33 -28.86 -16.98
C ILE B 18 20.39 -27.76 -16.99
N PRO B 19 20.57 -27.07 -15.85
CA PRO B 19 21.58 -26.02 -15.84
C PRO B 19 22.98 -26.54 -16.11
N GLN B 20 23.79 -25.71 -16.73
CA GLN B 20 25.18 -26.03 -17.04
C GLN B 20 25.94 -24.90 -16.38
N ARG B 21 27.11 -25.20 -15.83
CA ARG B 21 27.90 -24.17 -15.17
C ARG B 21 28.18 -22.97 -16.07
N ASP B 22 28.41 -23.23 -17.35
CA ASP B 22 28.70 -22.14 -18.28
C ASP B 22 27.52 -21.19 -18.48
N TRP B 23 26.40 -21.49 -17.86
CA TRP B 23 25.22 -20.63 -17.96
C TRP B 23 25.51 -19.35 -17.18
N PHE B 24 26.27 -19.49 -16.08
CA PHE B 24 26.61 -18.36 -15.22
C PHE B 24 28.05 -17.91 -15.38
N PRO B 25 28.36 -16.69 -14.91
CA PRO B 25 29.70 -16.11 -14.99
C PRO B 25 30.74 -16.99 -14.28
N SER B 26 32.00 -16.81 -14.66
CA SER B 26 33.07 -17.58 -14.05
C SER B 26 33.24 -17.14 -12.60
N ASP B 27 32.89 -15.89 -12.31
CA ASP B 27 33.00 -15.36 -10.96
C ASP B 27 31.76 -15.69 -10.09
N PHE B 28 30.74 -16.26 -10.71
CA PHE B 28 29.53 -16.66 -9.98
C PHE B 28 29.93 -17.67 -8.91
N THR B 29 29.23 -17.67 -7.79
CA THR B 29 29.56 -18.57 -6.70
C THR B 29 28.55 -19.69 -6.48
N PHE B 30 29.07 -20.90 -6.27
CA PHE B 30 28.24 -22.05 -5.99
C PHE B 30 28.78 -22.71 -4.71
N GLY B 31 27.90 -22.98 -3.77
CA GLY B 31 28.33 -23.60 -2.53
C GLY B 31 27.19 -24.28 -1.80
N ALA B 32 27.44 -24.67 -0.56
CA ALA B 32 26.45 -25.32 0.28
C ALA B 32 26.50 -24.59 1.62
N ALA B 33 25.48 -24.76 2.45
CA ALA B 33 25.45 -24.09 3.74
C ALA B 33 24.96 -24.97 4.87
N THR B 34 25.28 -24.54 6.08
CA THR B 34 24.90 -25.23 7.32
C THR B 34 24.78 -24.18 8.43
N SER B 35 24.37 -24.61 9.61
CA SER B 35 24.27 -23.70 10.76
C SER B 35 24.91 -24.41 11.94
N ALA B 36 25.61 -23.65 12.75
CA ALA B 36 26.33 -24.17 13.91
C ALA B 36 25.60 -25.18 14.77
N TYR B 37 24.47 -24.78 15.34
CA TYR B 37 23.74 -25.71 16.22
C TYR B 37 23.20 -26.94 15.53
N GLN B 38 22.98 -26.84 14.22
CA GLN B 38 22.42 -27.98 13.51
C GLN B 38 23.40 -29.11 13.19
N ILE B 39 24.66 -28.77 12.97
CA ILE B 39 25.65 -29.77 12.60
C ILE B 39 26.74 -30.06 13.64
N GLU B 40 27.16 -29.02 14.36
CA GLU B 40 28.25 -29.12 15.32
C GLU B 40 28.33 -30.22 16.37
N GLY B 41 27.34 -30.30 17.25
CA GLY B 41 27.41 -31.29 18.30
C GLY B 41 28.33 -30.67 19.33
N ALA B 42 29.04 -31.49 20.10
CA ALA B 42 29.97 -30.99 21.13
C ALA B 42 29.37 -29.81 21.89
N TRP B 43 28.05 -29.89 22.11
CA TRP B 43 27.28 -28.86 22.78
C TRP B 43 27.86 -28.36 24.09
N ASN B 44 28.62 -29.20 24.78
CA ASN B 44 29.19 -28.79 26.05
C ASN B 44 30.68 -29.13 26.16
N GLU B 45 31.34 -29.28 25.02
CA GLU B 45 32.76 -29.61 25.03
C GLU B 45 33.64 -28.39 24.88
N ASP B 46 34.92 -28.58 25.18
CA ASP B 46 35.93 -27.56 25.08
C ASP B 46 35.49 -26.21 25.60
N GLY B 47 34.77 -26.24 26.72
CA GLY B 47 34.29 -25.01 27.33
C GLY B 47 33.14 -24.28 26.66
N LYS B 48 32.51 -24.89 25.67
CA LYS B 48 31.39 -24.23 25.00
C LYS B 48 30.24 -23.97 25.95
N GLY B 49 29.78 -22.71 25.97
CA GLY B 49 28.67 -22.34 26.83
C GLY B 49 27.35 -22.91 26.35
N GLU B 50 26.37 -22.90 27.25
CA GLU B 50 25.03 -23.41 26.97
C GLU B 50 24.26 -22.39 26.15
N SER B 51 23.48 -22.87 25.19
CA SER B 51 22.70 -21.97 24.36
C SER B 51 21.22 -22.11 24.68
N ASN B 52 20.45 -21.18 24.14
CA ASN B 52 19.00 -21.16 24.29
C ASN B 52 18.45 -22.48 23.74
N TRP B 53 19.05 -22.96 22.66
CA TRP B 53 18.61 -24.20 22.05
C TRP B 53 19.03 -25.43 22.85
N ASP B 54 20.21 -25.39 23.45
CA ASP B 54 20.69 -26.49 24.29
C ASP B 54 19.61 -26.60 25.37
N HIS B 55 19.38 -25.46 26.01
CA HIS B 55 18.42 -25.30 27.09
C HIS B 55 17.00 -25.77 26.72
N PHE B 56 16.50 -25.30 25.59
CA PHE B 56 15.16 -25.65 25.14
C PHE B 56 14.99 -27.16 24.88
N CYS B 57 15.90 -27.73 24.10
CA CYS B 57 15.82 -29.15 23.78
C CYS B 57 15.91 -30.04 25.01
N HIS B 58 16.81 -29.71 25.91
CA HIS B 58 17.00 -30.47 27.13
C HIS B 58 15.81 -30.34 28.07
N ASN B 59 15.30 -29.13 28.22
CA ASN B 59 14.18 -28.89 29.13
C ASN B 59 12.80 -29.16 28.56
N HIS B 60 12.70 -29.28 27.24
CA HIS B 60 11.40 -29.52 26.64
C HIS B 60 11.44 -30.44 25.44
N PRO B 61 11.89 -31.69 25.64
CA PRO B 61 11.93 -32.63 24.52
C PRO B 61 10.55 -32.83 23.91
N GLU B 62 9.50 -32.51 24.66
CA GLU B 62 8.15 -32.68 24.13
C GLU B 62 7.88 -31.65 23.01
N ARG B 63 8.69 -30.60 22.97
CA ARG B 63 8.53 -29.57 21.95
C ARG B 63 9.28 -29.87 20.66
N ILE B 64 10.03 -30.97 20.67
CA ILE B 64 10.76 -31.42 19.49
C ILE B 64 9.92 -32.60 18.98
N LEU B 65 9.62 -32.61 17.69
CA LEU B 65 8.80 -33.67 17.09
C LEU B 65 9.19 -35.07 17.55
N ASP B 66 10.47 -35.43 17.43
CA ASP B 66 10.93 -36.74 17.88
C ASP B 66 11.70 -36.63 19.19
N GLY B 67 11.43 -35.55 19.93
CA GLY B 67 12.08 -35.34 21.21
C GLY B 67 13.60 -35.40 21.24
N SER B 68 14.24 -35.12 20.11
CA SER B 68 15.69 -35.17 20.03
C SER B 68 16.32 -33.83 20.40
N ASN B 69 17.63 -33.75 20.28
CA ASN B 69 18.38 -32.53 20.54
C ASN B 69 19.58 -32.57 19.62
N SER B 70 20.39 -31.53 19.63
CA SER B 70 21.56 -31.53 18.76
C SER B 70 22.87 -31.60 19.53
N ASP B 71 22.90 -32.45 20.57
CA ASP B 71 24.10 -32.62 21.37
C ASP B 71 25.26 -33.10 20.50
N ILE B 72 24.93 -33.89 19.48
CA ILE B 72 25.92 -34.43 18.56
C ILE B 72 25.73 -33.85 17.17
N GLY B 73 24.47 -33.71 16.76
CA GLY B 73 24.17 -33.18 15.43
C GLY B 73 24.73 -34.11 14.36
N ALA B 74 25.56 -33.55 13.49
CA ALA B 74 26.20 -34.32 12.43
C ALA B 74 27.66 -34.47 12.86
N ASN B 75 27.92 -34.11 14.12
CA ASN B 75 29.24 -34.18 14.73
C ASN B 75 30.28 -33.43 13.90
N SER B 76 29.87 -32.28 13.35
CA SER B 76 30.79 -31.50 12.52
C SER B 76 31.91 -30.80 13.28
N TYR B 77 31.76 -30.69 14.61
CA TYR B 77 32.81 -30.07 15.41
C TYR B 77 34.05 -30.97 15.40
N HIS B 78 33.83 -32.28 15.44
CA HIS B 78 34.96 -33.20 15.40
C HIS B 78 35.24 -33.67 13.98
N MET B 79 34.23 -33.61 13.11
CA MET B 79 34.39 -34.08 11.74
C MET B 79 34.43 -33.01 10.63
N TYR B 80 34.86 -31.81 10.97
CA TYR B 80 34.90 -30.74 9.97
C TYR B 80 35.84 -31.02 8.78
N LYS B 81 36.98 -31.64 9.05
CA LYS B 81 37.91 -31.96 7.97
C LYS B 81 37.21 -32.77 6.88
N THR B 82 36.25 -33.60 7.29
CA THR B 82 35.50 -34.40 6.33
C THR B 82 34.55 -33.51 5.55
N ASP B 83 33.86 -32.61 6.25
CA ASP B 83 32.92 -31.70 5.58
C ASP B 83 33.65 -30.96 4.45
N VAL B 84 34.83 -30.44 4.75
CA VAL B 84 35.63 -29.72 3.76
C VAL B 84 35.98 -30.63 2.60
N ARG B 85 36.36 -31.87 2.90
CA ARG B 85 36.69 -32.83 1.85
C ARG B 85 35.46 -32.96 0.95
N LEU B 86 34.29 -33.17 1.57
CA LEU B 86 33.04 -33.30 0.83
C LEU B 86 32.83 -32.09 -0.07
N LEU B 87 33.10 -30.91 0.46
CA LEU B 87 32.93 -29.66 -0.29
C LEU B 87 33.86 -29.56 -1.49
N LYS B 88 35.13 -29.87 -1.28
CA LYS B 88 36.09 -29.80 -2.36
C LYS B 88 35.77 -30.85 -3.43
N GLU B 89 35.30 -32.01 -3.00
CA GLU B 89 34.98 -33.09 -3.94
C GLU B 89 33.80 -32.78 -4.85
N MET B 90 32.88 -31.93 -4.38
CA MET B 90 31.75 -31.56 -5.19
C MET B 90 32.11 -30.36 -6.05
N GLY B 91 33.24 -29.75 -5.70
CA GLY B 91 33.72 -28.60 -6.45
C GLY B 91 33.07 -27.28 -6.05
N MET B 92 32.63 -27.17 -4.81
CA MET B 92 32.01 -25.94 -4.35
C MET B 92 32.99 -24.77 -4.31
N ASP B 93 32.56 -23.61 -4.75
CA ASP B 93 33.41 -22.42 -4.72
C ASP B 93 33.44 -21.84 -3.32
N ALA B 94 32.36 -22.08 -2.58
CA ALA B 94 32.25 -21.55 -1.23
C ALA B 94 31.41 -22.42 -0.33
N TYR B 95 31.46 -22.09 0.96
CA TYR B 95 30.72 -22.81 1.98
C TYR B 95 30.25 -21.78 2.99
N ARG B 96 28.97 -21.81 3.33
CA ARG B 96 28.47 -20.87 4.33
C ARG B 96 28.09 -21.64 5.57
N PHE B 97 28.69 -21.25 6.68
CA PHE B 97 28.46 -21.92 7.95
C PHE B 97 28.32 -20.82 8.98
N SER B 98 27.72 -21.13 10.12
CA SER B 98 27.58 -20.11 11.16
C SER B 98 28.51 -20.38 12.35
N ILE B 99 28.76 -19.32 13.11
CA ILE B 99 29.62 -19.38 14.29
C ILE B 99 28.75 -19.46 15.53
N SER B 100 29.00 -20.45 16.38
CA SER B 100 28.24 -20.60 17.61
C SER B 100 28.66 -19.56 18.65
N TRP B 101 27.71 -18.69 19.00
CA TRP B 101 27.96 -17.64 19.99
C TRP B 101 28.47 -18.20 21.32
N PRO B 102 27.75 -19.17 21.91
CA PRO B 102 28.17 -19.76 23.19
C PRO B 102 29.52 -20.48 23.14
N ARG B 103 29.91 -20.99 21.97
CA ARG B 103 31.19 -21.68 21.84
C ARG B 103 32.38 -20.72 21.83
N ILE B 104 32.13 -19.45 21.55
CA ILE B 104 33.19 -18.45 21.53
C ILE B 104 33.13 -17.64 22.83
N LEU B 105 31.93 -17.29 23.24
CA LEU B 105 31.72 -16.53 24.46
C LEU B 105 30.71 -17.30 25.30
N PRO B 106 31.18 -18.27 26.10
CA PRO B 106 30.37 -19.13 26.96
C PRO B 106 29.37 -18.37 27.83
N LYS B 107 29.74 -17.18 28.27
CA LYS B 107 28.84 -16.37 29.09
C LYS B 107 28.13 -15.38 28.19
N GLY B 108 28.50 -15.41 26.91
CA GLY B 108 27.90 -14.53 25.93
C GLY B 108 28.41 -13.12 26.05
N THR B 109 29.29 -12.89 27.02
CA THR B 109 29.81 -11.54 27.24
C THR B 109 31.32 -11.43 27.20
N LYS B 110 31.78 -10.19 27.23
CA LYS B 110 33.19 -9.87 27.22
C LYS B 110 33.78 -10.32 28.56
N GLU B 111 33.14 -9.89 29.65
CA GLU B 111 33.58 -10.25 30.98
C GLU B 111 33.68 -11.76 31.12
N GLY B 112 32.73 -12.46 30.50
CA GLY B 112 32.73 -13.92 30.56
C GLY B 112 34.02 -14.53 30.02
N GLY B 113 34.65 -13.85 29.07
CA GLY B 113 35.90 -14.34 28.49
C GLY B 113 35.72 -15.14 27.21
N ILE B 114 36.71 -15.05 26.33
CA ILE B 114 36.67 -15.76 25.06
C ILE B 114 37.20 -17.18 25.22
N ASN B 115 36.46 -18.15 24.68
CA ASN B 115 36.89 -19.54 24.76
C ASN B 115 37.84 -19.89 23.63
N PRO B 116 39.15 -19.98 23.92
CA PRO B 116 40.18 -20.30 22.93
C PRO B 116 39.87 -21.52 22.06
N ASP B 117 39.27 -22.54 22.65
CA ASP B 117 38.95 -23.74 21.88
C ASP B 117 37.95 -23.40 20.78
N GLY B 118 36.92 -22.62 21.14
CA GLY B 118 35.92 -22.22 20.17
C GLY B 118 36.60 -21.51 19.02
N ILE B 119 37.51 -20.60 19.35
CA ILE B 119 38.23 -19.85 18.33
C ILE B 119 39.02 -20.76 17.41
N LYS B 120 39.87 -21.59 18.01
CA LYS B 120 40.70 -22.51 17.25
C LYS B 120 39.89 -23.36 16.27
N TYR B 121 38.68 -23.74 16.65
CA TYR B 121 37.86 -24.56 15.77
C TYR B 121 37.56 -23.90 14.44
N TYR B 122 37.05 -22.67 14.50
CA TYR B 122 36.72 -21.94 13.28
C TYR B 122 37.98 -21.45 12.57
N ARG B 123 39.07 -21.37 13.32
CA ARG B 123 40.34 -20.97 12.73
C ARG B 123 40.75 -22.13 11.81
N ASN B 124 40.70 -23.35 12.34
CA ASN B 124 41.07 -24.51 11.56
C ASN B 124 40.10 -24.73 10.38
N LEU B 125 38.81 -24.52 10.61
CA LEU B 125 37.82 -24.71 9.56
C LEU B 125 38.02 -23.74 8.41
N ILE B 126 38.24 -22.48 8.75
CA ILE B 126 38.46 -21.44 7.75
C ILE B 126 39.72 -21.72 6.96
N ASN B 127 40.84 -21.90 7.65
CA ASN B 127 42.10 -22.18 6.95
C ASN B 127 41.98 -23.40 6.07
N LEU B 128 41.38 -24.47 6.59
CA LEU B 128 41.26 -25.69 5.81
C LEU B 128 40.43 -25.44 4.56
N LEU B 129 39.30 -24.75 4.68
CA LEU B 129 38.48 -24.46 3.51
C LEU B 129 39.36 -23.70 2.51
N LEU B 130 40.07 -22.70 2.99
CA LEU B 130 40.93 -21.89 2.15
C LEU B 130 42.09 -22.67 1.54
N GLU B 131 42.75 -23.52 2.32
CA GLU B 131 43.87 -24.29 1.77
C GLU B 131 43.29 -25.08 0.59
N ASN B 132 42.04 -25.54 0.72
CA ASN B 132 41.38 -26.30 -0.33
C ASN B 132 40.62 -25.46 -1.36
N GLY B 133 40.93 -24.17 -1.44
CA GLY B 133 40.30 -23.27 -2.39
C GLY B 133 38.79 -23.06 -2.32
N ILE B 134 38.23 -23.11 -1.12
CA ILE B 134 36.80 -22.90 -0.93
C ILE B 134 36.62 -21.63 -0.10
N GLU B 135 35.83 -20.69 -0.62
CA GLU B 135 35.60 -19.42 0.05
C GLU B 135 34.61 -19.50 1.20
N PRO B 136 34.98 -18.97 2.36
CA PRO B 136 34.06 -19.03 3.49
C PRO B 136 33.11 -17.83 3.63
N TYR B 137 31.84 -18.13 3.74
CA TYR B 137 30.80 -17.11 3.95
C TYR B 137 30.42 -17.38 5.41
N VAL B 138 30.90 -16.51 6.30
CA VAL B 138 30.68 -16.68 7.72
C VAL B 138 29.44 -15.99 8.25
N THR B 139 28.49 -16.80 8.72
CA THR B 139 27.25 -16.29 9.30
C THR B 139 27.50 -16.19 10.80
N ILE B 140 27.58 -14.95 11.28
CA ILE B 140 27.85 -14.69 12.69
C ILE B 140 26.82 -15.26 13.67
N PHE B 141 25.54 -15.12 13.35
CA PHE B 141 24.50 -15.60 14.24
C PHE B 141 23.36 -16.39 13.59
N HIS B 142 23.13 -17.62 14.06
CA HIS B 142 22.02 -18.39 13.52
C HIS B 142 21.20 -18.96 14.66
N TRP B 143 20.47 -18.09 15.33
CA TRP B 143 19.57 -18.46 16.41
C TRP B 143 20.14 -19.00 17.72
N ASP B 144 21.44 -19.31 17.74
CA ASP B 144 22.05 -19.87 18.95
C ASP B 144 22.52 -18.80 19.96
N VAL B 145 21.60 -18.40 20.82
CA VAL B 145 21.89 -17.38 21.81
C VAL B 145 22.40 -17.99 23.09
N PRO B 146 23.48 -17.41 23.65
CA PRO B 146 24.07 -17.90 24.90
C PRO B 146 22.97 -17.89 25.97
N GLN B 147 22.73 -19.04 26.59
CA GLN B 147 21.70 -19.14 27.61
C GLN B 147 21.98 -18.17 28.75
N ALA B 148 23.25 -17.79 28.94
CA ALA B 148 23.59 -16.86 30.01
C ALA B 148 22.86 -15.54 29.79
N LEU B 149 22.93 -15.01 28.57
CA LEU B 149 22.27 -13.76 28.25
C LEU B 149 20.75 -13.89 28.29
N GLU B 150 20.26 -15.07 27.91
CA GLU B 150 18.83 -15.33 27.94
C GLU B 150 18.32 -15.17 29.37
N GLU B 151 19.01 -15.79 30.32
CA GLU B 151 18.64 -15.71 31.73
C GLU B 151 18.94 -14.33 32.31
N LYS B 152 19.94 -13.67 31.75
CA LYS B 152 20.36 -12.35 32.19
C LYS B 152 19.34 -11.25 31.88
N TYR B 153 19.06 -11.06 30.59
CA TYR B 153 18.11 -10.04 30.18
C TYR B 153 17.16 -10.50 29.09
N GLY B 154 16.97 -11.82 29.00
CA GLY B 154 16.08 -12.36 28.00
C GLY B 154 16.62 -12.40 26.59
N GLY B 155 17.91 -12.15 26.44
CA GLY B 155 18.51 -12.18 25.12
C GLY B 155 17.99 -11.10 24.20
N PHE B 156 17.44 -11.50 23.06
CA PHE B 156 16.92 -10.53 22.11
C PHE B 156 15.62 -9.86 22.52
N LEU B 157 15.06 -10.28 23.64
CA LEU B 157 13.86 -9.66 24.16
C LEU B 157 14.27 -8.44 25.00
N ASP B 158 15.58 -8.25 25.15
CA ASP B 158 16.13 -7.13 25.93
C ASP B 158 15.35 -5.84 25.79
N LYS B 159 14.45 -5.59 26.74
CA LYS B 159 13.60 -4.41 26.73
C LYS B 159 14.31 -3.05 26.76
N SER B 160 15.62 -3.02 26.82
CA SER B 160 16.30 -1.74 26.86
C SER B 160 17.10 -1.47 25.60
N HIS B 161 17.01 -2.39 24.64
CA HIS B 161 17.71 -2.27 23.35
C HIS B 161 19.16 -1.79 23.46
N LYS B 162 19.86 -2.26 24.49
CA LYS B 162 21.27 -1.89 24.69
C LYS B 162 22.18 -3.07 25.01
N SER B 163 21.86 -3.77 26.09
CA SER B 163 22.66 -4.92 26.51
C SER B 163 22.90 -5.88 25.35
N ILE B 164 21.81 -6.42 24.79
CA ILE B 164 21.86 -7.38 23.69
C ILE B 164 22.65 -6.87 22.50
N VAL B 165 22.42 -5.63 22.11
CA VAL B 165 23.12 -5.05 20.97
C VAL B 165 24.60 -4.88 21.31
N GLU B 166 24.89 -4.53 22.55
CA GLU B 166 26.28 -4.37 22.98
C GLU B 166 26.98 -5.74 22.93
N ASP B 167 26.42 -6.71 23.65
CA ASP B 167 26.96 -8.06 23.70
C ASP B 167 27.10 -8.68 22.31
N TYR B 168 26.10 -8.47 21.45
CA TYR B 168 26.19 -9.01 20.09
C TYR B 168 27.31 -8.34 19.31
N THR B 169 27.48 -7.04 19.52
CA THR B 169 28.53 -6.31 18.81
C THR B 169 29.89 -6.75 19.31
N TYR B 170 29.99 -7.10 20.58
CA TYR B 170 31.27 -7.57 21.09
C TYR B 170 31.57 -8.90 20.40
N PHE B 171 30.56 -9.77 20.39
CA PHE B 171 30.68 -11.07 19.75
C PHE B 171 31.20 -10.94 18.32
N ALA B 172 30.67 -9.99 17.57
CA ALA B 172 31.09 -9.78 16.18
C ALA B 172 32.52 -9.31 16.14
N LYS B 173 32.89 -8.41 17.06
CA LYS B 173 34.27 -7.90 17.10
C LYS B 173 35.20 -9.11 17.24
N VAL B 174 34.89 -9.97 18.20
CA VAL B 174 35.68 -11.17 18.46
C VAL B 174 35.84 -11.91 17.14
N CYS B 175 34.74 -12.09 16.40
CA CYS B 175 34.82 -12.80 15.13
C CYS B 175 35.71 -12.08 14.12
N PHE B 176 35.56 -10.77 14.01
CA PHE B 176 36.36 -9.99 13.07
C PHE B 176 37.84 -9.99 13.47
N ASP B 177 38.09 -9.90 14.78
CA ASP B 177 39.45 -9.88 15.31
C ASP B 177 40.21 -11.19 15.07
N ASN B 178 39.53 -12.32 15.21
CA ASN B 178 40.20 -13.60 15.02
C ASN B 178 40.14 -14.20 13.62
N PHE B 179 39.14 -13.83 12.83
CA PHE B 179 39.00 -14.40 11.49
C PHE B 179 39.03 -13.35 10.37
N GLY B 180 39.01 -12.08 10.75
CA GLY B 180 39.01 -10.99 9.78
C GLY B 180 40.00 -11.08 8.63
N ASP B 181 41.22 -11.48 8.93
CA ASP B 181 42.27 -11.58 7.92
C ASP B 181 41.98 -12.68 6.90
N LYS B 182 41.14 -13.64 7.26
CA LYS B 182 40.82 -14.74 6.37
C LYS B 182 39.43 -14.67 5.74
N VAL B 183 38.50 -14.05 6.45
CA VAL B 183 37.14 -13.95 5.97
C VAL B 183 36.89 -12.69 5.15
N LYS B 184 36.33 -12.87 3.95
CA LYS B 184 36.01 -11.75 3.05
C LYS B 184 34.50 -11.59 2.90
N ASN B 185 33.74 -12.46 3.56
CA ASN B 185 32.28 -12.41 3.47
C ASN B 185 31.62 -12.71 4.80
N TRP B 186 30.97 -11.70 5.37
CA TRP B 186 30.30 -11.84 6.66
C TRP B 186 28.79 -11.67 6.58
N LEU B 187 28.09 -12.41 7.43
CA LEU B 187 26.65 -12.32 7.50
C LEU B 187 26.33 -12.22 8.98
N THR B 188 25.85 -11.05 9.39
CA THR B 188 25.53 -10.81 10.79
C THR B 188 24.42 -11.73 11.29
N PHE B 189 23.30 -11.76 10.55
CA PHE B 189 22.18 -12.61 10.94
C PHE B 189 21.70 -13.45 9.76
N ASN B 190 20.96 -14.50 10.08
CA ASN B 190 20.41 -15.39 9.07
C ASN B 190 18.98 -15.69 9.50
N ASP B 191 18.05 -15.51 8.57
CA ASP B 191 16.64 -15.76 8.83
C ASP B 191 16.10 -15.05 10.07
N PRO B 192 16.30 -13.73 10.17
CA PRO B 192 15.80 -13.01 11.34
C PRO B 192 14.28 -13.10 11.55
N GLN B 193 13.51 -13.12 10.47
CA GLN B 193 12.06 -13.19 10.56
C GLN B 193 11.57 -14.49 11.17
N THR B 194 12.19 -15.60 10.76
CA THR B 194 11.81 -16.90 11.26
C THR B 194 12.17 -17.04 12.73
N PHE B 195 13.28 -16.44 13.12
CA PHE B 195 13.76 -16.49 14.49
C PHE B 195 12.82 -15.73 15.42
N THR B 196 12.52 -14.48 15.09
CA THR B 196 11.65 -13.69 15.96
C THR B 196 10.22 -14.23 15.98
N SER B 197 9.67 -14.56 14.82
CA SER B 197 8.32 -15.09 14.73
C SER B 197 8.12 -16.45 15.39
N PHE B 198 9.03 -17.37 15.16
CA PHE B 198 8.91 -18.71 15.74
C PHE B 198 9.35 -18.84 17.20
N SER B 199 10.28 -18.00 17.63
CA SER B 199 10.77 -18.05 19.00
C SER B 199 9.87 -17.27 19.95
N TYR B 200 9.22 -16.23 19.45
CA TYR B 200 8.36 -15.39 20.27
C TYR B 200 6.93 -15.22 19.77
N GLY B 201 6.66 -15.67 18.55
CA GLY B 201 5.32 -15.56 18.02
C GLY B 201 4.55 -16.85 18.24
N THR B 202 4.85 -17.83 17.43
CA THR B 202 4.19 -19.12 17.56
C THR B 202 4.87 -19.93 18.67
N GLY B 203 6.05 -19.46 19.10
CA GLY B 203 6.79 -20.12 20.16
C GLY B 203 7.24 -21.55 19.89
N VAL B 204 7.39 -21.94 18.62
CA VAL B 204 7.83 -23.30 18.31
C VAL B 204 9.34 -23.43 18.41
N PHE B 205 10.04 -22.31 18.48
CA PHE B 205 11.50 -22.31 18.61
C PHE B 205 11.83 -21.91 20.04
N ALA B 206 13.07 -22.18 20.45
CA ALA B 206 13.55 -21.82 21.78
C ALA B 206 13.50 -20.28 21.87
N PRO B 207 13.17 -19.73 23.06
CA PRO B 207 12.85 -20.39 24.32
C PRO B 207 11.41 -20.90 24.42
N GLY B 208 10.65 -20.81 23.33
CA GLY B 208 9.29 -21.29 23.33
C GLY B 208 8.25 -20.38 23.97
N ARG B 209 8.36 -19.07 23.77
CA ARG B 209 7.42 -18.11 24.33
C ARG B 209 6.31 -17.71 23.36
N CYS B 210 5.13 -17.46 23.90
CA CYS B 210 3.98 -17.05 23.09
C CYS B 210 2.95 -16.41 24.01
N SER B 211 1.92 -15.83 23.41
CA SER B 211 0.86 -15.17 24.16
C SER B 211 0.03 -16.14 25.00
N PRO B 212 -0.39 -15.71 26.19
CA PRO B 212 -1.19 -16.61 27.02
C PRO B 212 -2.31 -17.20 26.19
N GLY B 213 -2.54 -18.50 26.33
CA GLY B 213 -3.60 -19.15 25.57
C GLY B 213 -3.09 -19.88 24.34
N LEU B 214 -1.89 -19.54 23.90
CA LEU B 214 -1.30 -20.18 22.73
C LEU B 214 -0.49 -21.40 23.13
N ASP B 215 -0.52 -22.42 22.29
CA ASP B 215 0.19 -23.66 22.59
C ASP B 215 1.71 -23.67 22.41
N CYS B 216 2.43 -23.27 23.45
CA CYS B 216 3.88 -23.30 23.41
C CYS B 216 4.35 -23.60 24.83
N ALA B 217 5.66 -23.77 25.00
CA ALA B 217 6.23 -24.09 26.31
C ALA B 217 6.00 -23.03 27.39
N TYR B 218 6.11 -21.77 27.03
CA TYR B 218 5.93 -20.68 27.98
C TYR B 218 4.91 -19.67 27.49
N PRO B 219 3.60 -20.02 27.55
CA PRO B 219 2.52 -19.13 27.10
C PRO B 219 2.30 -17.90 27.97
N THR B 220 3.39 -17.19 28.24
CA THR B 220 3.32 -15.98 29.05
C THR B 220 4.07 -14.82 28.41
N GLY B 221 4.25 -14.88 27.10
CA GLY B 221 4.92 -13.79 26.42
C GLY B 221 3.85 -12.95 25.76
N ASN B 222 4.16 -12.37 24.60
CA ASN B 222 3.21 -11.57 23.84
C ASN B 222 3.57 -11.72 22.35
N SER B 223 2.77 -12.51 21.64
CA SER B 223 3.02 -12.77 20.23
C SER B 223 2.89 -11.54 19.34
N LEU B 224 2.19 -10.52 19.82
CA LEU B 224 2.02 -9.29 19.04
C LEU B 224 3.09 -8.26 19.37
N VAL B 225 3.91 -8.56 20.36
CA VAL B 225 4.94 -7.62 20.77
C VAL B 225 6.38 -8.14 20.79
N GLU B 226 6.60 -9.26 21.47
CA GLU B 226 7.94 -9.81 21.57
C GLU B 226 8.67 -10.01 20.24
N PRO B 227 7.98 -10.56 19.23
CA PRO B 227 8.66 -10.74 17.95
C PRO B 227 9.26 -9.41 17.47
N TYR B 228 8.48 -8.34 17.61
CA TYR B 228 8.95 -7.03 17.19
C TYR B 228 10.06 -6.52 18.07
N THR B 229 10.01 -6.83 19.36
CA THR B 229 11.06 -6.40 20.28
C THR B 229 12.38 -7.06 19.88
N ALA B 230 12.32 -8.38 19.72
CA ALA B 230 13.49 -9.13 19.33
C ALA B 230 14.01 -8.64 17.98
N GLY B 231 13.08 -8.44 17.05
CA GLY B 231 13.47 -7.99 15.74
C GLY B 231 14.14 -6.63 15.79
N HIS B 232 13.61 -5.75 16.64
CA HIS B 232 14.17 -4.42 16.77
C HIS B 232 15.62 -4.57 17.24
N ASN B 233 15.81 -5.39 18.28
CA ASN B 233 17.14 -5.60 18.81
C ASN B 233 18.08 -6.20 17.76
N ILE B 234 17.58 -7.12 16.94
CA ILE B 234 18.42 -7.71 15.89
C ILE B 234 18.88 -6.64 14.91
N LEU B 235 17.98 -5.75 14.51
CA LEU B 235 18.34 -4.67 13.58
C LEU B 235 19.37 -3.74 14.17
N LEU B 236 19.17 -3.37 15.43
CA LEU B 236 20.12 -2.50 16.12
C LEU B 236 21.46 -3.24 16.19
N ALA B 237 21.41 -4.50 16.58
CA ALA B 237 22.62 -5.31 16.68
C ALA B 237 23.34 -5.37 15.34
N HIS B 238 22.58 -5.61 14.26
CA HIS B 238 23.15 -5.68 12.92
C HIS B 238 23.78 -4.36 12.53
N ALA B 239 23.13 -3.26 12.87
CA ALA B 239 23.63 -1.95 12.53
C ALA B 239 24.95 -1.64 13.22
N GLU B 240 25.08 -1.95 14.51
CA GLU B 240 26.33 -1.68 15.21
C GLU B 240 27.49 -2.52 14.70
N ALA B 241 27.23 -3.78 14.39
CA ALA B 241 28.27 -4.67 13.90
C ALA B 241 28.82 -4.22 12.55
N VAL B 242 27.94 -3.74 11.67
CA VAL B 242 28.38 -3.27 10.36
C VAL B 242 29.14 -1.95 10.53
N ASP B 243 28.75 -1.17 11.53
CA ASP B 243 29.41 0.10 11.81
C ASP B 243 30.83 -0.23 12.27
N LEU B 244 30.90 -1.16 13.22
CA LEU B 244 32.16 -1.60 13.78
C LEU B 244 33.02 -2.19 12.67
N TYR B 245 32.39 -3.03 11.84
CA TYR B 245 33.09 -3.67 10.74
C TYR B 245 33.65 -2.65 9.75
N ASN B 246 32.79 -1.74 9.31
CA ASN B 246 33.19 -0.71 8.36
C ASN B 246 34.32 0.15 8.88
N LYS B 247 34.25 0.49 10.16
CA LYS B 247 35.27 1.34 10.77
C LYS B 247 36.63 0.72 11.01
N HIS B 248 36.68 -0.57 11.33
CA HIS B 248 37.98 -1.17 11.61
C HIS B 248 38.41 -2.44 10.91
N TYR B 249 37.50 -3.08 10.17
CA TYR B 249 37.87 -4.34 9.53
C TYR B 249 37.67 -4.42 8.04
N LYS B 250 36.66 -3.72 7.55
CA LYS B 250 36.36 -3.70 6.13
C LYS B 250 37.60 -3.44 5.27
N ARG B 251 37.67 -4.10 4.13
CA ARG B 251 38.76 -3.94 3.17
C ARG B 251 38.05 -3.79 1.83
N ASP B 252 38.79 -3.37 0.80
CA ASP B 252 38.22 -3.19 -0.53
C ASP B 252 37.62 -4.49 -1.03
N ASP B 253 38.23 -5.60 -0.64
CA ASP B 253 37.80 -6.93 -1.07
C ASP B 253 36.78 -7.65 -0.20
N THR B 254 36.49 -7.12 0.98
CA THR B 254 35.55 -7.79 1.86
C THR B 254 34.13 -7.24 1.78
N ARG B 255 33.17 -8.02 2.28
CA ARG B 255 31.77 -7.62 2.28
C ARG B 255 31.04 -8.15 3.50
N ILE B 256 29.97 -7.45 3.87
CA ILE B 256 29.19 -7.85 5.02
C ILE B 256 27.73 -7.53 4.73
N GLY B 257 26.85 -8.37 5.26
CA GLY B 257 25.42 -8.16 5.07
C GLY B 257 24.66 -9.08 6.00
N LEU B 258 23.48 -9.51 5.59
CA LEU B 258 22.67 -10.44 6.37
C LEU B 258 21.78 -11.16 5.37
N ALA B 259 21.25 -12.30 5.78
CA ALA B 259 20.41 -13.10 4.91
C ALA B 259 18.99 -13.12 5.43
N PHE B 260 18.02 -12.88 4.53
CA PHE B 260 16.62 -12.88 4.93
C PHE B 260 15.88 -14.13 4.49
N ASP B 261 15.06 -14.66 5.40
CA ASP B 261 14.24 -15.83 5.07
C ASP B 261 13.03 -15.21 4.37
N VAL B 262 12.60 -15.77 3.27
CA VAL B 262 11.47 -15.19 2.58
C VAL B 262 10.69 -16.16 1.70
N MET B 263 9.37 -16.11 1.81
CA MET B 263 8.51 -16.95 0.98
C MET B 263 7.89 -16.04 -0.05
N GLY B 264 7.83 -16.50 -1.29
CA GLY B 264 7.24 -15.69 -2.33
C GLY B 264 5.78 -15.46 -2.04
N ARG B 265 5.26 -14.34 -2.53
CA ARG B 265 3.86 -14.00 -2.32
C ARG B 265 3.18 -13.79 -3.67
N VAL B 266 2.01 -14.38 -3.82
CA VAL B 266 1.24 -14.27 -5.04
C VAL B 266 -0.21 -13.98 -4.71
N PRO B 267 -0.80 -12.97 -5.36
CA PRO B 267 -2.20 -12.65 -5.06
C PRO B 267 -3.05 -13.92 -5.06
N TYR B 268 -3.97 -14.02 -4.12
CA TYR B 268 -4.82 -15.20 -4.04
C TYR B 268 -5.78 -15.23 -5.23
N GLY B 269 -6.46 -14.11 -5.44
CA GLY B 269 -7.39 -13.99 -6.55
C GLY B 269 -6.97 -12.80 -7.41
N THR B 270 -7.87 -12.35 -8.28
CA THR B 270 -7.60 -11.23 -9.17
C THR B 270 -7.98 -9.86 -8.62
N SER B 271 -8.69 -9.84 -7.49
CA SER B 271 -9.09 -8.58 -6.87
C SER B 271 -7.86 -7.72 -6.57
N PHE B 272 -8.00 -6.40 -6.68
CA PHE B 272 -6.88 -5.51 -6.37
C PHE B 272 -6.61 -5.61 -4.88
N LEU B 273 -7.58 -6.15 -4.15
CA LEU B 273 -7.45 -6.32 -2.71
C LEU B 273 -6.35 -7.35 -2.42
N ASP B 274 -6.37 -8.47 -3.14
CA ASP B 274 -5.35 -9.47 -2.90
C ASP B 274 -3.97 -9.01 -3.33
N LYS B 275 -3.92 -8.06 -4.26
CA LYS B 275 -2.64 -7.53 -4.72
C LYS B 275 -2.07 -6.71 -3.58
N GLN B 276 -2.96 -5.99 -2.88
CA GLN B 276 -2.58 -5.18 -1.74
C GLN B 276 -2.15 -6.11 -0.60
N ALA B 277 -2.89 -7.21 -0.43
CA ALA B 277 -2.58 -8.19 0.59
C ALA B 277 -1.18 -8.76 0.33
N GLU B 278 -0.93 -9.09 -0.93
CA GLU B 278 0.35 -9.64 -1.37
C GLU B 278 1.45 -8.66 -1.01
N GLU B 279 1.20 -7.38 -1.24
CA GLU B 279 2.19 -6.38 -0.91
C GLU B 279 2.41 -6.30 0.58
N ARG B 280 1.35 -6.39 1.37
CA ARG B 280 1.53 -6.33 2.81
C ARG B 280 2.30 -7.56 3.27
N SER B 281 2.14 -8.67 2.54
CA SER B 281 2.82 -9.90 2.88
C SER B 281 4.33 -9.84 2.58
N TRP B 282 4.72 -9.28 1.43
CA TRP B 282 6.14 -9.15 1.13
C TRP B 282 6.74 -8.29 2.24
N ASP B 283 6.02 -7.21 2.59
CA ASP B 283 6.45 -6.26 3.62
C ASP B 283 6.71 -6.87 5.00
N ILE B 284 5.77 -7.64 5.50
CA ILE B 284 5.91 -8.22 6.82
C ILE B 284 6.93 -9.38 6.87
N ASN B 285 7.17 -10.00 5.72
CA ASN B 285 8.12 -11.11 5.64
C ASN B 285 9.50 -10.61 5.27
N LEU B 286 9.62 -10.00 4.10
CA LEU B 286 10.89 -9.48 3.60
C LEU B 286 11.19 -8.05 4.03
N GLY B 287 10.21 -7.18 3.87
CA GLY B 287 10.41 -5.78 4.21
C GLY B 287 10.81 -5.52 5.64
N TRP B 288 10.21 -6.26 6.56
CA TRP B 288 10.46 -6.16 8.00
C TRP B 288 11.93 -5.90 8.34
N PHE B 289 12.81 -6.73 7.81
CA PHE B 289 14.23 -6.58 8.07
C PHE B 289 15.02 -5.97 6.92
N LEU B 290 14.48 -6.08 5.71
CA LEU B 290 15.17 -5.52 4.55
C LEU B 290 15.06 -4.02 4.43
N GLU B 291 13.85 -3.46 4.58
CA GLU B 291 13.67 -2.03 4.43
C GLU B 291 14.50 -1.24 5.45
N PRO B 292 14.56 -1.72 6.70
CA PRO B 292 15.34 -0.99 7.69
C PRO B 292 16.82 -0.85 7.31
N VAL B 293 17.41 -1.92 6.75
CA VAL B 293 18.83 -1.85 6.37
C VAL B 293 19.02 -1.17 5.03
N VAL B 294 17.92 -0.95 4.31
CA VAL B 294 17.98 -0.29 3.01
C VAL B 294 17.74 1.22 3.14
N ARG B 295 16.69 1.61 3.86
CA ARG B 295 16.36 3.02 4.00
C ARG B 295 16.39 3.57 5.42
N GLY B 296 16.63 2.70 6.40
CA GLY B 296 16.70 3.16 7.77
C GLY B 296 15.46 3.05 8.62
N ASP B 297 14.43 2.35 8.12
CA ASP B 297 13.20 2.19 8.88
C ASP B 297 12.33 1.03 8.33
N TYR B 298 11.35 0.61 9.13
CA TYR B 298 10.44 -0.47 8.76
C TYR B 298 9.48 -0.01 7.66
N PRO B 299 8.88 -0.97 6.94
CA PRO B 299 7.95 -0.55 5.89
C PRO B 299 6.75 0.20 6.48
N PHE B 300 6.19 1.11 5.68
CA PHE B 300 5.03 1.92 6.10
C PHE B 300 3.88 1.00 6.53
N SER B 301 3.55 0.02 5.70
CA SER B 301 2.45 -0.87 6.02
C SER B 301 2.58 -1.42 7.44
N MET B 302 3.76 -1.87 7.83
CA MET B 302 3.96 -2.42 9.17
C MET B 302 3.74 -1.40 10.28
N ARG B 303 4.28 -0.20 10.11
CA ARG B 303 4.10 0.85 11.12
C ARG B 303 2.64 1.25 11.26
N SER B 304 1.92 1.26 10.16
CA SER B 304 0.52 1.65 10.19
C SER B 304 -0.33 0.56 10.81
N LEU B 305 0.12 -0.69 10.67
CA LEU B 305 -0.64 -1.80 11.21
C LEU B 305 -0.19 -2.26 12.59
N ALA B 306 1.11 -2.34 12.82
CA ALA B 306 1.65 -2.78 14.12
C ALA B 306 1.60 -1.63 15.12
N ARG B 307 1.63 -0.40 14.60
CA ARG B 307 1.57 0.78 15.45
C ARG B 307 2.61 0.83 16.57
N GLU B 308 2.16 1.10 17.79
CA GLU B 308 3.05 1.20 18.93
C GLU B 308 3.80 -0.10 19.25
N ARG B 309 3.25 -1.23 18.83
CA ARG B 309 3.87 -2.52 19.10
C ARG B 309 5.21 -2.68 18.37
N LEU B 310 5.41 -1.87 17.34
CA LEU B 310 6.66 -1.87 16.56
C LEU B 310 7.46 -0.64 16.95
N PRO B 311 8.53 -0.83 17.74
CA PRO B 311 9.42 0.23 18.23
C PRO B 311 9.92 1.17 17.15
N PHE B 312 10.21 2.41 17.53
CA PHE B 312 10.75 3.38 16.59
C PHE B 312 12.25 3.46 16.75
N PHE B 313 12.95 3.84 15.68
CA PHE B 313 14.40 3.97 15.73
C PHE B 313 14.74 5.43 16.01
N LYS B 314 15.91 5.68 16.59
CA LYS B 314 16.34 7.04 16.85
C LYS B 314 16.88 7.50 15.48
N ASP B 315 16.86 8.80 15.20
CA ASP B 315 17.35 9.24 13.90
C ASP B 315 18.78 8.77 13.69
N GLU B 316 19.56 8.64 14.76
CA GLU B 316 20.95 8.21 14.61
C GLU B 316 21.02 6.71 14.30
N GLN B 317 20.07 5.94 14.80
CA GLN B 317 20.05 4.50 14.54
C GLN B 317 19.64 4.26 13.08
N LYS B 318 18.74 5.09 12.59
CA LYS B 318 18.27 4.98 11.21
C LYS B 318 19.47 5.20 10.29
N GLU B 319 20.36 6.09 10.71
CA GLU B 319 21.57 6.42 9.98
C GLU B 319 22.47 5.21 9.77
N LYS B 320 22.77 4.51 10.86
CA LYS B 320 23.62 3.33 10.83
C LYS B 320 22.92 2.19 10.09
N LEU B 321 21.59 2.17 10.16
CA LEU B 321 20.81 1.14 9.52
C LEU B 321 20.83 1.25 8.00
N ALA B 322 20.53 2.44 7.51
CA ALA B 322 20.49 2.68 6.07
C ALA B 322 21.84 2.43 5.39
N GLY B 323 21.82 1.52 4.42
CA GLY B 323 23.04 1.18 3.70
C GLY B 323 24.00 0.30 4.48
N SER B 324 23.53 -0.40 5.51
CA SER B 324 24.40 -1.25 6.32
C SER B 324 24.60 -2.66 5.72
N TYR B 325 25.13 -2.73 4.50
CA TYR B 325 25.38 -4.01 3.82
C TYR B 325 26.09 -3.79 2.47
N ASN B 326 26.85 -4.80 2.03
CA ASN B 326 27.56 -4.73 0.74
C ASN B 326 26.99 -5.79 -0.16
N MET B 327 26.16 -6.63 0.43
CA MET B 327 25.54 -7.73 -0.28
C MET B 327 24.42 -8.22 0.62
N LEU B 328 23.48 -8.95 0.04
CA LEU B 328 22.35 -9.45 0.77
C LEU B 328 22.07 -10.91 0.48
N GLY B 329 21.77 -11.67 1.53
CA GLY B 329 21.46 -13.07 1.37
C GLY B 329 19.95 -13.26 1.30
N LEU B 330 19.53 -14.24 0.51
CA LEU B 330 18.11 -14.54 0.37
C LEU B 330 17.91 -16.05 0.56
N ASN B 331 17.13 -16.41 1.58
CA ASN B 331 16.86 -17.83 1.86
C ASN B 331 15.46 -18.15 1.38
N TYR B 332 15.39 -18.72 0.18
CA TYR B 332 14.11 -19.05 -0.43
C TYR B 332 13.84 -20.53 -0.52
N TYR B 333 12.61 -20.91 -0.15
CA TYR B 333 12.22 -22.32 -0.21
C TYR B 333 10.88 -22.50 -0.92
N THR B 334 9.94 -21.60 -0.68
CA THR B 334 8.62 -21.75 -1.25
C THR B 334 7.90 -20.40 -1.32
N SER B 335 6.64 -20.43 -1.76
CA SER B 335 5.83 -19.22 -1.86
C SER B 335 4.41 -19.54 -1.38
N ARG B 336 3.61 -18.49 -1.22
CA ARG B 336 2.21 -18.62 -0.77
C ARG B 336 1.31 -17.64 -1.48
N PHE B 337 0.02 -17.94 -1.51
CA PHE B 337 -0.95 -17.04 -2.11
C PHE B 337 -1.37 -16.16 -0.94
N SER B 338 -1.42 -14.84 -1.16
CA SER B 338 -1.80 -13.91 -0.09
C SER B 338 -3.24 -13.50 -0.30
N LYS B 339 -4.10 -13.85 0.66
CA LYS B 339 -5.51 -13.52 0.54
C LYS B 339 -5.88 -12.39 1.49
N ASN B 340 -6.53 -11.37 0.93
CA ASN B 340 -6.93 -10.20 1.71
C ASN B 340 -7.84 -10.47 2.90
N ILE B 341 -7.59 -9.70 3.96
CA ILE B 341 -8.36 -9.71 5.18
C ILE B 341 -8.58 -8.22 5.49
N ASP B 342 -9.84 -7.79 5.56
CA ASP B 342 -10.17 -6.40 5.85
C ASP B 342 -10.06 -6.02 7.31
N ILE B 343 -9.74 -4.76 7.56
CA ILE B 343 -9.67 -4.26 8.92
C ILE B 343 -11.14 -4.20 9.30
N SER B 344 -11.48 -4.74 10.48
CA SER B 344 -12.87 -4.78 10.90
C SER B 344 -13.04 -5.32 12.33
N PRO B 345 -14.23 -5.12 12.90
CA PRO B 345 -14.46 -5.62 14.26
C PRO B 345 -14.44 -7.16 14.34
N ASN B 346 -14.56 -7.82 13.19
CA ASN B 346 -14.55 -9.26 13.17
C ASN B 346 -13.16 -9.86 13.07
N TYR B 347 -12.13 -9.04 13.20
CA TYR B 347 -10.78 -9.57 13.13
C TYR B 347 -9.82 -8.92 14.12
N SER B 348 -9.00 -9.75 14.77
CA SER B 348 -7.99 -9.28 15.72
C SER B 348 -6.70 -10.07 15.51
N PRO B 349 -5.60 -9.40 15.15
CA PRO B 349 -4.39 -10.20 14.97
C PRO B 349 -4.03 -10.88 16.29
N VAL B 350 -3.60 -12.13 16.20
CA VAL B 350 -3.21 -12.94 17.35
C VAL B 350 -1.69 -13.11 17.37
N LEU B 351 -1.13 -13.28 16.18
CA LEU B 351 0.30 -13.43 15.99
C LEU B 351 0.87 -12.21 15.25
N ASN B 352 2.13 -11.90 15.51
CA ASN B 352 2.78 -10.77 14.85
C ASN B 352 2.53 -10.82 13.35
N THR B 353 2.64 -12.01 12.76
CA THR B 353 2.46 -12.18 11.33
C THR B 353 1.02 -11.91 10.86
N ASP B 354 0.09 -11.78 11.81
CA ASP B 354 -1.30 -11.49 11.45
C ASP B 354 -1.48 -10.00 11.16
N ASP B 355 -0.52 -9.17 11.57
CA ASP B 355 -0.62 -7.73 11.33
C ASP B 355 -0.59 -7.43 9.83
N ALA B 356 -0.30 -8.43 9.02
CA ALA B 356 -0.25 -8.26 7.58
C ALA B 356 -1.65 -8.18 6.98
N TYR B 357 -2.65 -8.57 7.75
CA TYR B 357 -4.02 -8.56 7.28
C TYR B 357 -4.16 -9.32 5.97
N ALA B 358 -3.69 -10.55 6.00
CA ALA B 358 -3.72 -11.43 4.86
C ALA B 358 -3.45 -12.84 5.35
N SER B 359 -4.19 -13.80 4.82
CA SER B 359 -3.97 -15.18 5.17
C SER B 359 -3.07 -15.70 4.05
N GLN B 360 -2.12 -16.55 4.41
CA GLN B 360 -1.21 -17.10 3.43
C GLN B 360 -1.67 -18.51 3.06
N GLU B 361 -2.09 -18.67 1.81
CA GLU B 361 -2.62 -19.95 1.34
C GLU B 361 -1.67 -20.81 0.51
N VAL B 362 -1.72 -22.11 0.74
CA VAL B 362 -0.91 -23.04 -0.04
C VAL B 362 -1.69 -23.28 -1.34
N ASN B 363 -3.00 -23.46 -1.20
CA ASN B 363 -3.86 -23.69 -2.36
C ASN B 363 -4.51 -22.40 -2.83
N GLY B 364 -4.55 -22.23 -4.14
CA GLY B 364 -5.16 -21.05 -4.71
C GLY B 364 -6.66 -21.21 -4.73
N PRO B 365 -7.39 -20.32 -5.41
CA PRO B 365 -8.86 -20.42 -5.45
C PRO B 365 -9.35 -21.70 -6.11
N ASP B 366 -8.53 -22.29 -6.97
CA ASP B 366 -8.92 -23.52 -7.66
C ASP B 366 -8.72 -24.77 -6.79
N GLY B 367 -8.16 -24.59 -5.60
CA GLY B 367 -7.94 -25.72 -4.70
C GLY B 367 -6.60 -26.41 -4.87
N LYS B 368 -5.91 -26.12 -5.97
CA LYS B 368 -4.61 -26.71 -6.26
C LYS B 368 -3.51 -25.95 -5.51
N PRO B 369 -2.43 -26.64 -5.13
CA PRO B 369 -1.35 -25.95 -4.42
C PRO B 369 -0.61 -25.00 -5.34
N ILE B 370 0.01 -23.99 -4.74
CA ILE B 370 0.76 -23.01 -5.48
C ILE B 370 1.85 -23.70 -6.30
N GLY B 371 2.33 -24.82 -5.79
CA GLY B 371 3.38 -25.59 -6.45
C GLY B 371 3.40 -27.01 -5.91
N PRO B 372 3.99 -27.96 -6.65
CA PRO B 372 4.05 -29.35 -6.16
C PRO B 372 4.72 -29.52 -4.80
N PRO B 373 4.07 -30.25 -3.88
CA PRO B 373 4.61 -30.49 -2.54
C PRO B 373 5.96 -31.21 -2.59
N MET B 374 6.90 -30.78 -1.74
CA MET B 374 8.23 -31.37 -1.71
C MET B 374 8.45 -32.43 -0.63
N GLY B 375 7.42 -32.74 0.14
CA GLY B 375 7.57 -33.75 1.17
C GLY B 375 7.23 -33.29 2.57
N ASN B 376 8.01 -32.35 3.12
CA ASN B 376 7.73 -31.89 4.48
C ASN B 376 6.42 -31.07 4.51
N PRO B 377 5.96 -30.69 5.71
CA PRO B 377 4.74 -29.91 5.85
C PRO B 377 4.63 -28.53 5.21
N TRP B 378 5.75 -27.91 4.84
CA TRP B 378 5.64 -26.56 4.30
C TRP B 378 6.25 -26.22 2.95
N ILE B 379 7.24 -26.96 2.48
CA ILE B 379 7.84 -26.63 1.19
C ILE B 379 7.03 -27.08 -0.02
N TYR B 380 6.68 -26.11 -0.86
CA TYR B 380 5.97 -26.38 -2.10
C TYR B 380 6.82 -25.72 -3.15
N MET B 381 7.20 -26.49 -4.15
CA MET B 381 8.07 -25.99 -5.20
C MET B 381 7.42 -24.94 -6.09
N TYR B 382 8.00 -23.75 -6.08
CA TYR B 382 7.51 -22.63 -6.87
C TYR B 382 8.66 -21.71 -7.23
N PRO B 383 9.53 -22.13 -8.17
CA PRO B 383 10.68 -21.33 -8.60
C PRO B 383 10.29 -19.90 -9.01
N GLU B 384 9.08 -19.75 -9.53
CA GLU B 384 8.56 -18.46 -9.96
C GLU B 384 8.69 -17.40 -8.87
N GLY B 385 8.34 -17.79 -7.64
CA GLY B 385 8.42 -16.88 -6.53
C GLY B 385 9.82 -16.36 -6.29
N LEU B 386 10.84 -17.14 -6.64
CA LEU B 386 12.22 -16.70 -6.47
C LEU B 386 12.47 -15.63 -7.53
N LYS B 387 11.90 -15.83 -8.70
CA LYS B 387 12.04 -14.87 -9.78
C LYS B 387 11.40 -13.58 -9.32
N ASP B 388 10.17 -13.67 -8.80
CA ASP B 388 9.47 -12.49 -8.35
C ASP B 388 10.30 -11.76 -7.30
N LEU B 389 10.72 -12.50 -6.29
CA LEU B 389 11.52 -11.94 -5.22
C LEU B 389 12.73 -11.17 -5.77
N LEU B 390 13.41 -11.76 -6.76
CA LEU B 390 14.57 -11.13 -7.35
C LEU B 390 14.22 -9.89 -8.19
N MET B 391 13.02 -9.91 -8.78
CA MET B 391 12.55 -8.77 -9.58
C MET B 391 12.32 -7.61 -8.63
N ILE B 392 11.82 -7.93 -7.45
CA ILE B 392 11.55 -6.92 -6.43
C ILE B 392 12.87 -6.36 -5.92
N MET B 393 13.83 -7.24 -5.65
CA MET B 393 15.13 -6.82 -5.17
C MET B 393 15.76 -5.92 -6.21
N LYS B 394 15.62 -6.30 -7.47
CA LYS B 394 16.19 -5.53 -8.56
C LYS B 394 15.55 -4.16 -8.76
N ASN B 395 14.24 -4.14 -8.97
CA ASN B 395 13.49 -2.91 -9.24
C ASN B 395 13.16 -1.96 -8.08
N LYS B 396 12.92 -2.52 -6.91
CA LYS B 396 12.52 -1.72 -5.76
C LYS B 396 13.61 -1.40 -4.74
N TYR B 397 14.44 -2.38 -4.43
CA TYR B 397 15.45 -2.17 -3.42
C TYR B 397 16.88 -1.98 -3.89
N GLY B 398 17.07 -1.36 -5.06
CA GLY B 398 18.42 -1.09 -5.56
C GLY B 398 19.24 -2.19 -6.24
N ASN B 399 18.62 -3.32 -6.55
CA ASN B 399 19.33 -4.42 -7.20
C ASN B 399 20.73 -4.65 -6.65
N PRO B 400 20.84 -4.81 -5.33
CA PRO B 400 22.12 -5.04 -4.65
C PRO B 400 22.67 -6.44 -4.91
N PRO B 401 23.95 -6.67 -4.59
CA PRO B 401 24.54 -8.00 -4.79
C PRO B 401 23.76 -9.01 -3.95
N ILE B 402 23.18 -10.00 -4.63
CA ILE B 402 22.35 -11.02 -3.99
C ILE B 402 22.93 -12.42 -4.04
N TYR B 403 22.88 -13.10 -2.90
CA TYR B 403 23.32 -14.49 -2.80
C TYR B 403 22.13 -15.29 -2.28
N ILE B 404 21.80 -16.38 -2.96
CA ILE B 404 20.73 -17.24 -2.50
C ILE B 404 21.45 -18.10 -1.47
N THR B 405 21.45 -17.63 -0.23
CA THR B 405 22.12 -18.29 0.87
C THR B 405 21.49 -19.58 1.41
N GLU B 406 20.31 -19.94 0.92
CA GLU B 406 19.63 -21.16 1.32
C GLU B 406 18.61 -21.54 0.28
N ASN B 407 18.58 -22.82 -0.07
CA ASN B 407 17.62 -23.34 -1.02
C ASN B 407 17.71 -24.86 -0.99
N GLY B 408 16.60 -25.51 -0.71
CA GLY B 408 16.58 -26.95 -0.64
C GLY B 408 15.26 -27.46 -0.09
N ILE B 409 15.20 -28.77 0.14
CA ILE B 409 14.00 -29.38 0.68
C ILE B 409 14.40 -30.37 1.75
N GLY B 410 13.44 -30.80 2.56
CA GLY B 410 13.74 -31.77 3.61
C GLY B 410 13.01 -33.07 3.33
N ASP B 411 13.73 -34.18 3.25
CA ASP B 411 13.09 -35.48 3.02
C ASP B 411 12.61 -35.98 4.37
N VAL B 412 11.38 -36.44 4.42
CA VAL B 412 10.82 -36.94 5.68
C VAL B 412 11.40 -38.30 6.00
N ASP B 413 11.85 -38.42 7.24
CA ASP B 413 12.44 -39.64 7.74
C ASP B 413 12.12 -39.73 9.22
N THR B 414 11.01 -40.39 9.54
CA THR B 414 10.57 -40.56 10.92
C THR B 414 10.53 -42.04 11.26
N LYS B 415 10.64 -42.37 12.54
CA LYS B 415 10.65 -43.77 12.93
C LYS B 415 9.30 -44.45 12.70
N GLU B 416 8.40 -43.72 12.07
CA GLU B 416 7.08 -44.24 11.74
C GLU B 416 7.09 -44.62 10.27
N THR B 417 7.77 -43.78 9.49
CA THR B 417 7.91 -43.98 8.07
C THR B 417 9.35 -43.60 7.76
N PRO B 418 10.29 -44.45 8.19
CA PRO B 418 11.72 -44.23 7.97
C PRO B 418 12.05 -44.15 6.49
N LEU B 419 13.11 -43.44 6.16
CA LEU B 419 13.51 -43.29 4.78
C LEU B 419 14.67 -44.25 4.53
N PRO B 420 14.47 -45.21 3.61
CA PRO B 420 15.53 -46.18 3.31
C PRO B 420 16.76 -45.43 2.82
N MET B 421 17.91 -45.70 3.43
CA MET B 421 19.14 -45.01 3.04
C MET B 421 19.23 -44.93 1.53
N GLU B 422 18.82 -46.00 0.86
CA GLU B 422 18.87 -46.02 -0.60
C GLU B 422 17.97 -44.94 -1.20
N ALA B 423 16.76 -44.83 -0.67
CA ALA B 423 15.82 -43.82 -1.14
C ALA B 423 16.33 -42.43 -0.71
N ALA B 424 16.95 -42.39 0.46
CA ALA B 424 17.49 -41.13 0.97
C ALA B 424 18.59 -40.64 0.04
N LEU B 425 19.32 -41.58 -0.56
CA LEU B 425 20.41 -41.24 -1.46
C LEU B 425 19.92 -40.89 -2.85
N ASN B 426 18.82 -41.50 -3.27
CA ASN B 426 18.24 -41.23 -4.59
C ASN B 426 17.27 -40.07 -4.45
N ASP B 427 17.79 -38.92 -3.99
CA ASP B 427 16.99 -37.72 -3.78
C ASP B 427 16.76 -36.92 -5.05
N TYR B 428 16.07 -37.53 -6.02
CA TYR B 428 15.80 -36.91 -7.31
C TYR B 428 14.83 -35.75 -7.19
N LYS B 429 13.93 -35.85 -6.21
CA LYS B 429 12.97 -34.78 -5.98
C LYS B 429 13.80 -33.56 -5.58
N ARG B 430 14.82 -33.79 -4.74
CA ARG B 430 15.69 -32.70 -4.30
C ARG B 430 16.49 -32.16 -5.47
N LEU B 431 16.97 -33.05 -6.33
CA LEU B 431 17.77 -32.64 -7.48
C LEU B 431 16.96 -31.81 -8.46
N ASP B 432 15.80 -32.33 -8.85
CA ASP B 432 14.91 -31.63 -9.78
C ASP B 432 14.66 -30.21 -9.25
N TYR B 433 14.31 -30.13 -7.98
CA TYR B 433 14.03 -28.87 -7.29
C TYR B 433 15.22 -27.92 -7.35
N ILE B 434 16.40 -28.44 -7.02
CA ILE B 434 17.62 -27.62 -7.01
C ILE B 434 17.95 -27.10 -8.40
N GLN B 435 17.87 -27.97 -9.40
CA GLN B 435 18.18 -27.57 -10.77
C GLN B 435 17.19 -26.50 -11.25
N ARG B 436 15.93 -26.64 -10.88
CA ARG B 436 14.92 -25.66 -11.29
C ARG B 436 15.24 -24.26 -10.80
N HIS B 437 15.62 -24.15 -9.53
CA HIS B 437 15.93 -22.86 -8.94
C HIS B 437 17.22 -22.25 -9.48
N ILE B 438 18.16 -23.12 -9.80
CA ILE B 438 19.43 -22.69 -10.34
C ILE B 438 19.13 -22.12 -11.73
N ALA B 439 18.22 -22.79 -12.44
CA ALA B 439 17.82 -22.34 -13.77
C ALA B 439 17.14 -20.98 -13.65
N THR B 440 16.31 -20.84 -12.63
CA THR B 440 15.60 -19.59 -12.37
C THR B 440 16.62 -18.45 -12.20
N LEU B 441 17.70 -18.70 -11.50
CA LEU B 441 18.71 -17.67 -11.29
C LEU B 441 19.30 -17.23 -12.62
N LYS B 442 19.35 -18.15 -13.59
CA LYS B 442 19.88 -17.82 -14.89
C LYS B 442 18.94 -16.86 -15.60
N GLU B 443 17.65 -17.19 -15.58
CA GLU B 443 16.64 -16.34 -16.20
C GLU B 443 16.66 -14.96 -15.56
N SER B 444 16.69 -14.95 -14.23
CA SER B 444 16.71 -13.70 -13.48
C SER B 444 17.94 -12.88 -13.78
N ILE B 445 19.09 -13.55 -13.88
CA ILE B 445 20.34 -12.87 -14.16
C ILE B 445 20.27 -12.12 -15.49
N ASP B 446 19.83 -12.80 -16.55
CA ASP B 446 19.71 -12.16 -17.86
C ASP B 446 18.72 -11.00 -17.80
N LEU B 447 17.76 -11.06 -16.88
CA LEU B 447 16.78 -10.00 -16.75
C LEU B 447 17.33 -8.79 -15.98
N GLY B 448 18.58 -8.87 -15.56
CA GLY B 448 19.18 -7.75 -14.85
C GLY B 448 19.40 -8.00 -13.38
N SER B 449 18.94 -9.14 -12.88
CA SER B 449 19.11 -9.45 -11.47
C SER B 449 20.59 -9.47 -11.08
N ASN B 450 20.91 -8.89 -9.92
CA ASN B 450 22.30 -8.84 -9.45
C ASN B 450 22.66 -10.03 -8.54
N VAL B 451 22.15 -11.23 -8.87
CA VAL B 451 22.44 -12.44 -8.10
C VAL B 451 23.88 -12.86 -8.42
N GLN B 452 24.67 -13.12 -7.38
CA GLN B 452 26.08 -13.49 -7.55
C GLN B 452 26.40 -14.91 -7.11
N GLY B 453 25.45 -15.57 -6.45
CA GLY B 453 25.71 -16.92 -5.99
C GLY B 453 24.51 -17.70 -5.50
N TYR B 454 24.73 -18.99 -5.31
CA TYR B 454 23.71 -19.91 -4.85
C TYR B 454 24.33 -20.92 -3.90
N PHE B 455 23.71 -21.06 -2.73
CA PHE B 455 24.19 -22.02 -1.74
C PHE B 455 23.08 -23.04 -1.53
N ALA B 456 23.37 -24.31 -1.81
CA ALA B 456 22.37 -25.34 -1.60
C ALA B 456 22.23 -25.49 -0.10
N TRP B 457 21.01 -25.40 0.42
CA TRP B 457 20.87 -25.50 1.86
C TRP B 457 20.93 -26.90 2.37
N SER B 458 21.83 -27.05 3.32
CA SER B 458 22.13 -28.25 4.03
C SER B 458 23.17 -29.08 3.30
N LEU B 459 24.42 -28.86 3.68
CA LEU B 459 25.51 -29.62 3.11
C LEU B 459 25.25 -31.02 3.64
N LEU B 460 24.86 -31.08 4.91
CA LEU B 460 24.61 -32.34 5.61
C LEU B 460 23.20 -32.52 6.17
N ASP B 461 22.82 -33.77 6.40
CA ASP B 461 21.54 -34.03 7.03
C ASP B 461 21.86 -33.60 8.47
N ASN B 462 20.96 -32.88 9.11
CA ASN B 462 21.24 -32.46 10.47
C ASN B 462 20.00 -32.23 11.31
N PHE B 463 20.19 -31.64 12.48
CA PHE B 463 19.09 -31.36 13.39
C PHE B 463 18.25 -30.25 12.77
N GLU B 464 16.93 -30.47 12.71
CA GLU B 464 16.04 -29.49 12.12
C GLU B 464 15.09 -28.80 13.10
N TRP B 465 15.69 -28.19 14.13
CA TRP B 465 14.95 -27.46 15.13
C TRP B 465 13.76 -28.25 15.70
N PHE B 466 12.55 -27.67 15.72
CA PHE B 466 11.41 -28.41 16.26
C PHE B 466 11.09 -29.69 15.53
N ALA B 467 11.56 -29.83 14.28
CA ALA B 467 11.31 -31.04 13.52
C ALA B 467 12.35 -32.09 13.91
N GLY B 468 13.36 -31.65 14.66
CA GLY B 468 14.41 -32.56 15.12
C GLY B 468 15.14 -33.28 14.00
N PHE B 469 15.12 -34.61 14.05
CA PHE B 469 15.78 -35.40 13.02
C PHE B 469 14.79 -36.07 12.08
N THR B 470 13.56 -35.59 12.08
CA THR B 470 12.52 -36.16 11.21
C THR B 470 12.65 -35.68 9.76
N GLU B 471 13.63 -34.83 9.49
CA GLU B 471 13.83 -34.32 8.13
C GLU B 471 15.29 -34.24 7.68
N ARG B 472 15.56 -34.82 6.51
CA ARG B 472 16.90 -34.81 5.93
C ARG B 472 16.98 -33.77 4.81
N TYR B 473 17.63 -32.65 5.10
CA TYR B 473 17.78 -31.57 4.13
C TYR B 473 19.10 -31.60 3.37
N GLY B 474 20.06 -32.39 3.85
CA GLY B 474 21.37 -32.42 3.23
C GLY B 474 21.49 -32.94 1.80
N ILE B 475 22.53 -32.49 1.11
CA ILE B 475 22.79 -33.01 -0.23
C ILE B 475 23.74 -34.16 0.05
N VAL B 476 24.25 -34.18 1.27
CA VAL B 476 25.16 -35.23 1.75
C VAL B 476 24.48 -35.95 2.89
N TYR B 477 24.35 -37.26 2.76
CA TYR B 477 23.71 -38.09 3.77
C TYR B 477 24.59 -38.36 5.00
N VAL B 478 23.99 -38.26 6.17
CA VAL B 478 24.72 -38.51 7.41
C VAL B 478 24.07 -39.72 8.07
N ASP B 479 24.85 -40.80 8.18
CA ASP B 479 24.38 -42.03 8.81
C ASP B 479 24.82 -41.96 10.28
N ARG B 480 23.91 -41.54 11.16
CA ARG B 480 24.25 -41.45 12.57
C ARG B 480 24.25 -42.81 13.28
N ASN B 481 24.11 -43.88 12.51
CA ASN B 481 24.14 -45.23 13.03
C ASN B 481 25.54 -45.78 12.82
N ASN B 482 26.36 -45.00 12.14
CA ASN B 482 27.74 -45.36 11.82
C ASN B 482 28.67 -44.18 12.04
N ASN B 483 28.63 -43.60 13.23
CA ASN B 483 29.47 -42.45 13.53
C ASN B 483 29.27 -41.34 12.50
N CYS B 484 28.01 -40.95 12.29
CA CYS B 484 27.70 -39.87 11.37
C CYS B 484 28.45 -39.91 10.04
N THR B 485 28.67 -41.11 9.51
CA THR B 485 29.37 -41.24 8.24
C THR B 485 28.63 -40.50 7.13
N ARG B 486 29.36 -39.72 6.34
CA ARG B 486 28.77 -38.97 5.24
C ARG B 486 28.75 -39.71 3.90
N TYR B 487 27.64 -39.61 3.18
CA TYR B 487 27.48 -40.25 1.86
C TYR B 487 26.83 -39.26 0.90
N MET B 488 27.44 -39.05 -0.27
CA MET B 488 26.88 -38.15 -1.26
C MET B 488 25.57 -38.67 -1.82
N LYS B 489 24.59 -37.78 -1.96
CA LYS B 489 23.31 -38.18 -2.52
C LYS B 489 23.39 -37.87 -4.00
N GLU B 490 22.39 -38.28 -4.78
CA GLU B 490 22.39 -38.00 -6.22
C GLU B 490 22.51 -36.50 -6.50
N SER B 491 21.88 -35.70 -5.65
CA SER B 491 21.91 -34.24 -5.79
C SER B 491 23.34 -33.73 -5.64
N ALA B 492 24.07 -34.31 -4.69
CA ALA B 492 25.46 -33.92 -4.48
C ALA B 492 26.28 -34.40 -5.66
N LYS B 493 25.86 -35.54 -6.20
CA LYS B 493 26.52 -36.13 -7.36
C LYS B 493 26.42 -35.14 -8.50
N TRP B 494 25.22 -34.66 -8.77
CA TRP B 494 25.01 -33.71 -9.87
C TRP B 494 25.74 -32.39 -9.66
N LEU B 495 25.73 -31.88 -8.44
CA LEU B 495 26.41 -30.62 -8.16
C LEU B 495 27.90 -30.75 -8.43
N LYS B 496 28.44 -31.93 -8.16
CA LYS B 496 29.86 -32.19 -8.40
C LYS B 496 30.12 -32.10 -9.90
N GLU B 497 29.31 -32.83 -10.66
CA GLU B 497 29.38 -32.87 -12.13
C GLU B 497 29.23 -31.45 -12.66
N PHE B 498 28.27 -30.72 -12.09
CA PHE B 498 28.01 -29.35 -12.50
C PHE B 498 29.22 -28.45 -12.30
N ASN B 499 29.81 -28.50 -11.11
CA ASN B 499 30.96 -27.66 -10.79
C ASN B 499 32.25 -28.09 -11.47
N THR B 500 32.37 -29.37 -11.78
CA THR B 500 33.61 -29.89 -12.36
C THR B 500 33.81 -29.95 -13.88
N ALA B 501 32.74 -29.99 -14.66
CA ALA B 501 32.86 -30.05 -16.13
C ALA B 501 33.85 -29.02 -16.72
O1A HBO C . -12.81 20.92 -6.04
C3B HBO C . -10.92 21.86 -4.92
N3B HBO C . -10.26 22.88 -4.10
C4B HBO C . -10.95 24.18 -4.17
C1B HBO C . -12.21 24.33 -4.78
O1B HBO C . -12.89 23.19 -5.41
C2B HBO C . -12.37 21.87 -5.05
C5B HBO C . -10.33 25.31 -3.62
C6B HBO C . -10.99 26.54 -3.68
C8B HBO C . -12.87 25.53 -4.84
O3B HBO C . -10.30 20.85 -5.29
OHB HBO C . -8.81 23.02 -4.44
C7B HBO C . -12.25 26.66 -4.28
O7B HBO C . -12.93 27.98 -4.32
C9B HBO C . -11.94 29.09 -4.40
O1A HBO D . 12.49 -21.94 6.51
C3B HBO D . 10.49 -21.18 7.60
N3B HBO D . 9.56 -22.04 8.35
C4B HBO D . 10.19 -23.23 8.93
C1B HBO D . 11.55 -23.25 9.19
O1B HBO D . 12.35 -22.07 8.89
C2B HBO D . 11.94 -21.34 7.69
C5B HBO D . 9.42 -24.37 9.24
C6B HBO D . 10.05 -25.52 9.79
C8B HBO D . 12.22 -24.37 9.73
O3B HBO D . 10.05 -20.26 6.87
OHB HBO D . 8.41 -22.41 7.48
C7B HBO D . 11.44 -25.53 10.03
O7B HBO D . 12.11 -26.76 10.55
C9B HBO D . 11.40 -27.33 11.71
#